data_5UZ2
#
_entry.id   5UZ2
#
_entity_poly.entity_id   1
_entity_poly.type   'polydeoxyribonucleotide'
_entity_poly.pdbx_seq_one_letter_code
;(DC)(DG)(5CM)(DG)(DA)(DA)(DT)(DT)(5CM)(8OG)(DC)(DG)
;
_entity_poly.pdbx_strand_id   A,B
#
loop_
_chem_comp.id
_chem_comp.type
_chem_comp.name
_chem_comp.formula
5CM DNA linking 5-METHYL-2'-DEOXY-CYTIDINE-5'-MONOPHOSPHATE 'C10 H16 N3 O7 P'
8OG DNA linking 8-OXO-2'-DEOXY-GUANOSINE-5'-MONOPHOSPHATE 'C10 H14 N5 O8 P'
DA DNA linking 2'-DEOXYADENOSINE-5'-MONOPHOSPHATE 'C10 H14 N5 O6 P'
DC DNA linking 2'-DEOXYCYTIDINE-5'-MONOPHOSPHATE 'C9 H14 N3 O7 P'
DG DNA linking 2'-DEOXYGUANOSINE-5'-MONOPHOSPHATE 'C10 H14 N5 O7 P'
DT DNA linking THYMIDINE-5'-MONOPHOSPHATE 'C10 H15 N2 O8 P'
#
# COMPACT_ATOMS: atom_id res chain seq x y z
N1 5CM A 3 -3.70 -10.79 5.37
C2 5CM A 3 -2.70 -10.16 6.14
N3 5CM A 3 -1.45 -10.01 5.63
C4 5CM A 3 -1.21 -10.41 4.40
C5 5CM A 3 -2.22 -11.02 3.55
C5A 5CM A 3 -1.92 -11.48 2.12
C6 5CM A 3 -3.44 -11.19 4.09
O2 5CM A 3 -2.90 -9.72 7.27
N4 5CM A 3 0.03 -10.26 4.02
C1' 5CM A 3 -5.03 -11.08 6.02
C2' 5CM A 3 -6.24 -10.46 5.32
C3' 5CM A 3 -7.39 -11.39 5.72
C4' 5CM A 3 -6.68 -12.64 6.25
O4' 5CM A 3 -5.28 -12.47 6.00
O3' 5CM A 3 -8.23 -10.84 6.75
C5' 5CM A 3 -7.19 -13.96 5.65
O5' 5CM A 3 -7.14 -13.96 4.23
P 5CM A 3 -7.39 -15.31 3.39
OP1 5CM A 3 -8.66 -15.92 3.85
OP2 5CM A 3 -7.23 -15.01 1.94
H5A1 5CM A 3 -2.79 -11.94 1.67
H5A2 5CM A 3 -1.62 -10.63 1.52
H5A3 5CM A 3 -1.10 -12.21 2.14
H6 5CM A 3 -4.22 -11.67 3.50
HN41 5CM A 3 0.69 -9.86 4.68
HN42 5CM A 3 0.32 -10.57 3.11
H1' 5CM A 3 -5.02 -10.74 7.06
H2' 5CM A 3 -6.13 -10.48 4.24
H2'' 5CM A 3 -6.38 -9.45 5.67
H3' 5CM A 3 -8.01 -11.64 4.86
H4' 5CM A 3 -6.82 -12.69 7.34
H5' 5CM A 3 -6.58 -14.77 6.05
H5'' 5CM A 3 -8.23 -14.11 5.97
N1 5CM A 9 2.44 5.96 -6.20
C2 5CM A 9 1.12 5.48 -6.27
N3 5CM A 9 0.14 6.05 -5.54
C4 5CM A 9 0.44 7.08 -4.78
C5 5CM A 9 1.76 7.68 -4.72
C5A 5CM A 9 2.08 8.91 -3.88
C6 5CM A 9 2.72 7.09 -5.47
O2 5CM A 9 0.80 4.56 -7.02
N4 5CM A 9 -0.57 7.53 -4.09
C1' 5CM A 9 3.49 5.28 -7.00
C2' 5CM A 9 3.98 6.12 -8.18
C3' 5CM A 9 5.47 6.37 -7.95
C4' 5CM A 9 5.80 5.30 -6.91
O4' 5CM A 9 4.62 5.03 -6.18
O3' 5CM A 9 6.19 6.19 -9.17
C5' 5CM A 9 6.96 5.67 -5.97
O5' 5CM A 9 6.74 6.92 -5.31
P 5CM A 9 7.63 7.35 -4.04
OP1 5CM A 9 9.05 7.10 -4.35
OP2 5CM A 9 7.22 8.73 -3.64
H5A1 5CM A 9 1.44 9.74 -4.18
H5A2 5CM A 9 3.13 9.20 -4.00
H5A3 5CM A 9 1.89 8.70 -2.83
H6 5CM A 9 3.74 7.48 -5.48
HN41 5CM A 9 -1.47 7.06 -4.21
HN42 5CM A 9 -0.48 8.35 -3.52
H1' 5CM A 9 3.10 4.32 -7.37
H2' 5CM A 9 3.44 7.08 -8.24
H2'' 5CM A 9 3.83 5.57 -9.10
H3' 5CM A 9 5.63 7.37 -7.53
H4' 5CM A 9 6.08 4.38 -7.45
H5' 5CM A 9 7.07 4.88 -5.23
H5'' 5CM A 9 7.89 5.73 -6.55
P 8OG A 10 6.24 7.32 -10.33
OP1 8OG A 10 7.12 6.80 -11.41
OP2 8OG A 10 6.60 8.62 -9.70
O5' 8OG A 10 4.74 7.43 -10.90
C5' 8OG A 10 4.14 6.40 -11.67
C4' 8OG A 10 2.61 6.59 -11.80
O4' 8OG A 10 1.97 6.58 -10.51
C3' 8OG A 10 2.23 7.91 -12.49
O3' 8OG A 10 1.15 7.77 -13.41
C2' 8OG A 10 1.70 8.74 -11.33
C1' 8OG A 10 1.03 7.63 -10.52
N9 8OG A 10 0.50 8.07 -9.19
C8 8OG A 10 1.04 8.92 -8.25
N7 8OG A 10 0.25 9.23 -7.28
C5 8OG A 10 -0.95 8.63 -7.61
C6 8OG A 10 -2.24 8.67 -6.96
O6 8OG A 10 -2.55 9.24 -5.92
N1 8OG A 10 -3.21 7.97 -7.65
C2 8OG A 10 -2.98 7.30 -8.81
N2 8OG A 10 -3.99 6.67 -9.35
N3 8OG A 10 -1.80 7.23 -9.43
C4 8OG A 10 -0.81 7.92 -8.79
O8 8OG A 10 2.19 9.36 -8.26
H5' 8OG A 10 4.33 5.43 -11.23
H5'' 8OG A 10 4.57 6.40 -12.67
H4' 8OG A 10 2.22 5.75 -12.39
H3' 8OG A 10 3.09 8.39 -12.97
H2' 8OG A 10 2.53 9.18 -10.78
H2'' 8OG A 10 1.00 9.49 -11.65
H1' 8OG A 10 0.18 7.27 -11.08
H7 8OG A 10 0.47 9.87 -6.52
H1 8OG A 10 -4.14 7.95 -7.25
H21 8OG A 10 -4.92 6.73 -8.93
H22 8OG A 10 -3.84 6.18 -10.22
N1 5CM B 3 -8.13 7.23 -6.45
C2 5CM B 3 -6.84 7.29 -7.00
N3 5CM B 3 -5.81 7.83 -6.29
C4 5CM B 3 -6.04 8.23 -5.06
C5 5CM B 3 -7.34 8.14 -4.42
C5A 5CM B 3 -7.58 8.60 -2.98
C6 5CM B 3 -8.34 7.62 -5.15
O2 5CM B 3 -6.57 6.87 -8.13
N4 5CM B 3 -5.00 8.78 -4.48
C1' 5CM B 3 -9.26 6.77 -7.31
C2' 5CM B 3 -10.02 5.54 -6.81
C3' 5CM B 3 -11.42 5.69 -7.43
C4' 5CM B 3 -11.43 7.16 -7.88
O4' 5CM B 3 -10.25 7.78 -7.41
O3' 5CM B 3 -11.62 4.83 -8.55
C5' 5CM B 3 -12.68 7.94 -7.45
O5' 5CM B 3 -12.89 7.89 -6.04
P 5CM B 3 -13.97 8.83 -5.32
OP1 5CM B 3 -15.27 8.68 -6.02
OP2 5CM B 3 -13.92 8.57 -3.85
H5A1 5CM B 3 -7.33 9.66 -2.89
H5A2 5CM B 3 -6.94 8.03 -2.30
H5A3 5CM B 3 -8.62 8.47 -2.70
H6 5CM B 3 -9.33 7.54 -4.72
HN41 5CM B 3 -4.13 8.85 -5.00
HN42 5CM B 3 -5.09 9.14 -3.54
H1' 5CM B 3 -8.90 6.55 -8.32
H2' 5CM B 3 -10.11 5.55 -5.72
H2'' 5CM B 3 -9.52 4.63 -7.13
H3' 5CM B 3 -12.19 5.51 -6.69
H4' 5CM B 3 -11.40 7.17 -8.98
H5' 5CM B 3 -12.57 8.97 -7.77
H5'' 5CM B 3 -13.55 7.52 -7.95
N1 5CM B 9 4.28 -3.94 6.82
C2 5CM B 9 2.92 -4.25 6.64
N3 5CM B 9 2.55 -5.23 5.78
C4 5CM B 9 3.49 -5.89 5.14
C5 5CM B 9 4.91 -5.66 5.34
C5A 5CM B 9 6.00 -6.47 4.63
C6 5CM B 9 5.25 -4.68 6.21
O2 5CM B 9 2.03 -3.70 7.27
N4 5CM B 9 3.03 -6.78 4.31
C1' 5CM B 9 4.63 -2.81 7.75
C2' 5CM B 9 5.31 -3.31 9.03
C3' 5CM B 9 6.69 -2.69 9.06
C4' 5CM B 9 6.54 -1.55 8.04
O4' 5CM B 9 5.55 -1.94 7.11
O3' 5CM B 9 6.98 -2.20 10.37
C5' 5CM B 9 7.85 -1.19 7.33
O5' 5CM B 9 8.46 -2.31 6.69
P 5CM B 9 9.64 -2.13 5.60
OP1 5CM B 9 10.62 -1.15 6.13
OP2 5CM B 9 10.12 -3.47 5.22
H5A1 5CM B 9 6.99 -6.14 4.94
H5A2 5CM B 9 5.88 -7.53 4.86
H5A3 5CM B 9 5.90 -6.34 3.55
H6 5CM B 9 6.29 -4.45 6.39
HN41 5CM B 9 2.02 -6.89 4.26
HN42 5CM B 9 3.65 -7.39 3.80
H1' 5CM B 9 3.71 -2.26 8.00
H2' 5CM B 9 5.37 -4.40 9.05
H2'' 5CM B 9 4.73 -2.98 9.89
H3' 5CM B 9 7.44 -3.41 8.72
H4' 5CM B 9 6.19 -0.68 8.57
H5' 5CM B 9 7.63 -0.43 6.57
H5'' 5CM B 9 8.55 -0.75 8.04
P 8OG B 10 7.45 -3.16 11.58
OP1 8OG B 10 7.70 -2.30 12.76
OP2 8OG B 10 8.56 -4.01 11.09
O5' 8OG B 10 6.19 -4.12 11.91
C5' 8OG B 10 5.01 -3.62 12.52
C4' 8OG B 10 3.83 -4.63 12.40
O4' 8OG B 10 3.52 -4.91 11.03
C3' 8OG B 10 4.15 -5.98 13.09
O3' 8OG B 10 3.03 -6.50 13.81
C2' 8OG B 10 4.36 -6.89 11.90
C1' 8OG B 10 3.33 -6.30 10.94
N9 8OG B 10 3.36 -6.89 9.57
C8 8OG B 10 4.42 -7.26 8.76
N7 8OG B 10 4.12 -7.91 7.69
C5 8OG B 10 2.74 -8.08 7.80
C6 8OG B 10 1.81 -8.78 6.94
O6 8OG B 10 2.04 -9.37 5.89
N1 8OG B 10 0.53 -8.76 7.42
C2 8OG B 10 0.16 -8.15 8.57
N2 8OG B 10 -1.11 -8.20 8.90
N3 8OG B 10 0.98 -7.48 9.37
C4 8OG B 10 2.27 -7.47 8.93
O8 8OG B 10 5.61 -7.00 8.99
H5' 8OG B 10 4.70 -2.69 12.06
H5'' 8OG B 10 5.19 -3.42 13.58
H4' 8OG B 10 2.96 -4.18 12.87
H3' 8OG B 10 5.03 -5.93 13.72
H2' 8OG B 10 5.37 -6.78 11.52
H2'' 8OG B 10 4.15 -7.93 12.14
H1' 8OG B 10 2.34 -6.51 11.34
H7 8OG B 10 4.77 -8.27 7.01
H1 8OG B 10 -0.17 -9.24 6.87
H21 8OG B 10 -1.78 -8.73 8.33
H22 8OG B 10 -1.40 -7.76 9.75
N1 5CM A 3 -3.74 -10.73 5.29
C2 5CM A 3 -2.74 -10.14 6.08
N3 5CM A 3 -1.48 -10.01 5.61
C4 5CM A 3 -1.23 -10.41 4.38
C5 5CM A 3 -2.23 -10.96 3.50
C5A 5CM A 3 -1.92 -11.41 2.06
C6 5CM A 3 -3.48 -11.10 3.99
O2 5CM A 3 -2.95 -9.72 7.21
N4 5CM A 3 0.03 -10.29 4.02
C1' 5CM A 3 -5.08 -11.00 5.92
C2' 5CM A 3 -6.27 -10.35 5.21
C3' 5CM A 3 -7.46 -11.25 5.58
C4' 5CM A 3 -6.76 -12.53 6.08
O4' 5CM A 3 -5.37 -12.38 5.86
O3' 5CM A 3 -8.29 -10.71 6.60
C5' 5CM A 3 -7.29 -13.82 5.42
O5' 5CM A 3 -7.19 -13.79 4.00
P 5CM A 3 -7.45 -15.10 3.11
OP1 5CM A 3 -8.75 -15.69 3.52
OP2 5CM A 3 -7.25 -14.75 1.68
H5A1 5CM A 3 -1.14 -12.17 2.08
H5A2 5CM A 3 -2.80 -11.83 1.58
H5A3 5CM A 3 -1.56 -10.55 1.49
H6 5CM A 3 -4.26 -11.53 3.39
HN41 5CM A 3 0.68 -9.92 4.71
HN42 5CM A 3 0.32 -10.59 3.12
H1' 5CM A 3 -5.09 -10.68 6.96
H2' 5CM A 3 -6.14 -10.33 4.13
H2'' 5CM A 3 -6.41 -9.34 5.58
H3' 5CM A 3 -8.06 -11.47 4.69
H4' 5CM A 3 -6.93 -12.62 7.15
H5' 5CM A 3 -6.70 -14.66 5.80
H5'' 5CM A 3 -8.33 -13.97 5.71
N1 5CM A 9 2.44 6.05 -6.31
C2 5CM A 9 1.13 5.55 -6.35
N3 5CM A 9 0.16 6.11 -5.58
C4 5CM A 9 0.47 7.16 -4.84
C5 5CM A 9 1.78 7.77 -4.83
C5A 5CM A 9 2.10 9.01 -3.99
C6 5CM A 9 2.73 7.18 -5.58
O2 5CM A 9 0.80 4.62 -7.07
N4 5CM A 9 -0.55 7.60 -4.13
C1' 5CM A 9 3.48 5.38 -7.13
C2' 5CM A 9 3.94 6.24 -8.32
C3' 5CM A 9 5.42 6.49 -8.13
C4' 5CM A 9 5.79 5.41 -7.10
O4' 5CM A 9 4.63 5.13 -6.34
O3' 5CM A 9 6.12 6.31 -9.36
C5' 5CM A 9 6.97 5.78 -6.18
O5' 5CM A 9 6.75 7.02 -5.50
P 5CM A 9 7.66 7.46 -4.24
OP1 5CM A 9 9.08 7.21 -4.58
OP2 5CM A 9 7.26 8.83 -3.84
H5A1 5CM A 9 1.45 9.83 -4.29
H5A2 5CM A 9 3.14 9.30 -4.14
H5A3 5CM A 9 1.94 8.80 -2.94
H6 5CM A 9 3.74 7.59 -5.62
HN41 5CM A 9 -1.43 7.12 -4.23
HN42 5CM A 9 -0.44 8.42 -3.57
H1' 5CM A 9 3.08 4.42 -7.50
H2' 5CM A 9 3.39 7.18 -8.37
H2'' 5CM A 9 3.77 5.69 -9.24
H3' 5CM A 9 5.60 7.48 -7.70
H4' 5CM A 9 6.06 4.51 -7.65
H5' 5CM A 9 7.09 4.98 -5.45
H5'' 5CM A 9 7.87 5.85 -6.78
P 8OG A 10 6.14 7.44 -10.52
OP1 8OG A 10 7.01 6.93 -11.61
OP2 8OG A 10 6.48 8.74 -9.89
O5' 8OG A 10 4.63 7.53 -11.07
C5' 8OG A 10 4.03 6.49 -11.84
C4' 8OG A 10 2.50 6.64 -11.94
O4' 8OG A 10 1.89 6.65 -10.65
C3' 8OG A 10 2.08 7.96 -12.64
O3' 8OG A 10 1.00 7.79 -13.54
C2' 8OG A 10 1.57 8.79 -11.48
C1' 8OG A 10 0.93 7.70 -10.64
N9 8OG A 10 0.43 8.13 -9.31
C8 8OG A 10 0.97 8.99 -8.38
N7 8OG A 10 0.21 9.30 -7.39
C5 8OG A 10 -1.00 8.67 -7.69
C6 8OG A 10 -2.27 8.69 -7.02
O6 8OG A 10 -2.56 9.26 -5.96
N1 8OG A 10 -3.24 7.97 -7.67
C2 8OG A 10 -3.03 7.31 -8.84
N2 8OG A 10 -4.04 6.66 -9.35
N3 8OG A 10 -1.87 7.26 -9.49
C4 8OG A 10 -0.88 7.96 -8.86
O8 8OG A 10 2.11 9.46 -8.43
H5' 8OG A 10 4.25 5.52 -11.38
H5'' 8OG A 10 4.45 6.48 -12.84
H4' 8OG A 10 2.11 5.81 -12.51
H3' 8OG A 10 2.93 8.45 -13.14
H2' 8OG A 10 2.40 9.25 -10.95
H2'' 8OG A 10 0.85 9.53 -11.81
H1' 8OG A 10 0.06 7.31 -11.19
H7 8OG A 10 0.44 9.94 -6.64
H1 8OG A 10 -4.15 7.95 -7.26
H21 8OG A 10 -4.96 6.70 -8.91
H22 8OG A 10 -3.91 6.18 -10.22
N1 5CM B 3 -8.11 7.16 -6.35
C2 5CM B 3 -6.84 7.25 -6.93
N3 5CM B 3 -5.80 7.81 -6.25
C4 5CM B 3 -6.01 8.22 -5.01
C5 5CM B 3 -7.29 8.10 -4.33
C5A 5CM B 3 -7.51 8.58 -2.91
C6 5CM B 3 -8.30 7.55 -5.04
O2 5CM B 3 -6.59 6.83 -8.06
N4 5CM B 3 -4.97 8.79 -4.46
C1' 5CM B 3 -9.25 6.68 -7.18
C2' 5CM B 3 -9.98 5.45 -6.65
C3' 5CM B 3 -11.39 5.58 -7.25
C4' 5CM B 3 -11.44 7.05 -7.70
O4' 5CM B 3 -10.25 7.67 -7.25
O3' 5CM B 3 -11.61 4.72 -8.37
C5' 5CM B 3 -12.68 7.81 -7.21
O5' 5CM B 3 -12.82 7.77 -5.80
P 5CM B 3 -13.90 8.70 -5.04
OP1 5CM B 3 -15.22 8.51 -5.68
OP2 5CM B 3 -13.77 8.46 -3.57
H5A1 5CM B 3 -6.85 8.03 -2.23
H5A2 5CM B 3 -8.54 8.42 -2.59
H5A3 5CM B 3 -7.28 9.64 -2.83
H6 5CM B 3 -9.28 7.47 -4.59
HN41 5CM B 3 -4.12 8.88 -5.00
HN42 5CM B 3 -5.04 9.16 -3.53
H1' 5CM B 3 -8.90 6.46 -8.20
H2' 5CM B 3 -10.05 5.46 -5.56
H2'' 5CM B 3 -9.48 4.55 -6.99
H3' 5CM B 3 -12.15 5.39 -6.49
H4' 5CM B 3 -11.45 7.07 -8.79
H5' 5CM B 3 -12.60 8.85 -7.55
H5'' 5CM B 3 -13.57 7.38 -7.67
N1 5CM B 9 4.30 -4.02 6.94
C2 5CM B 9 2.95 -4.32 6.74
N3 5CM B 9 2.58 -5.28 5.86
C4 5CM B 9 3.53 -5.94 5.23
C5 5CM B 9 4.94 -5.73 5.44
C5A 5CM B 9 6.03 -6.54 4.74
C6 5CM B 9 5.28 -4.76 6.32
O2 5CM B 9 2.05 -3.76 7.36
N4 5CM B 9 3.06 -6.84 4.39
C1' 5CM B 9 4.64 -2.92 7.90
C2' 5CM B 9 5.30 -3.46 9.17
C3' 5CM B 9 6.69 -2.84 9.25
C4' 5CM B 9 6.56 -1.68 8.25
O4' 5CM B 9 5.58 -2.05 7.29
O3' 5CM B 9 6.96 -2.36 10.57
C5' 5CM B 9 7.88 -1.29 7.55
O5' 5CM B 9 8.50 -2.40 6.90
P 5CM B 9 9.69 -2.20 5.83
OP1 5CM B 9 10.66 -1.23 6.39
OP2 5CM B 9 10.17 -3.54 5.42
H5A1 5CM B 9 7.02 -6.22 5.07
H5A2 5CM B 9 5.91 -7.60 4.96
H5A3 5CM B 9 5.95 -6.40 3.66
H6 5CM B 9 6.32 -4.55 6.54
HN41 5CM B 9 2.05 -6.93 4.32
HN42 5CM B 9 3.69 -7.44 3.89
H1' 5CM B 9 3.74 -2.37 8.15
H2' 5CM B 9 5.37 -4.55 9.17
H2'' 5CM B 9 4.72 -3.14 10.03
H3' 5CM B 9 7.45 -3.54 8.90
H4' 5CM B 9 6.20 -0.81 8.79
H5' 5CM B 9 7.66 -0.52 6.81
H5'' 5CM B 9 8.57 -0.88 8.29
P 8OG B 10 7.41 -3.36 11.76
OP1 8OG B 10 7.65 -2.52 12.96
OP2 8OG B 10 8.51 -4.22 11.27
O5' 8OG B 10 6.13 -4.30 12.07
C5' 8OG B 10 4.94 -3.81 12.67
C4' 8OG B 10 3.76 -4.80 12.52
O4' 8OG B 10 3.48 -5.05 11.14
C3' 8OG B 10 4.04 -6.15 13.20
O3' 8OG B 10 2.91 -6.66 13.89
C2' 8OG B 10 4.28 -7.05 12.00
C1' 8OG B 10 3.26 -6.45 11.02
N9 8OG B 10 3.32 -7.02 9.65
C8 8OG B 10 4.38 -7.38 8.86
N7 8OG B 10 4.09 -8.01 7.77
C5 8OG B 10 2.70 -8.18 7.85
C6 8OG B 10 1.79 -8.85 6.99
O6 8OG B 10 2.02 -9.44 5.92
N1 8OG B 10 0.48 -8.82 7.43
C2 8OG B 10 0.10 -8.21 8.59
N2 8OG B 10 -1.17 -8.25 8.89
N3 8OG B 10 0.92 -7.56 9.42
C4 8OG B 10 2.23 -7.57 9.00
O8 8OG B 10 5.56 -7.15 9.11
H5' 8OG B 10 4.66 -2.86 12.21
H5'' 8OG B 10 5.12 -3.63 13.73
H4' 8OG B 10 2.88 -4.34 12.98
H3' 8OG B 10 4.92 -6.12 13.85
H2' 8OG B 10 5.30 -6.95 11.64
H2'' 8OG B 10 4.05 -8.09 12.23
H1' 8OG B 10 2.26 -6.65 11.41
H7 8OG B 10 4.74 -8.39 7.10
H1 8OG B 10 -0.21 -9.28 6.88
H21 8OG B 10 -1.83 -8.77 8.32
H22 8OG B 10 -1.46 -7.82 9.76
N1 5CM A 3 -3.45 -11.07 5.55
C2 5CM A 3 -2.47 -10.36 6.26
N3 5CM A 3 -1.25 -10.13 5.71
C4 5CM A 3 -1.02 -10.57 4.48
C5 5CM A 3 -2.00 -11.27 3.69
C5A 5CM A 3 -1.70 -11.78 2.28
C6 5CM A 3 -3.19 -11.52 4.27
O2 5CM A 3 -2.66 -9.90 7.38
N4 5CM A 3 0.21 -10.34 4.07
C1' 5CM A 3 -4.74 -11.38 6.23
C2' 5CM A 3 -5.99 -10.85 5.52
C3' 5CM A 3 -7.10 -11.80 5.98
C4' 5CM A 3 -6.32 -13.01 6.53
O4' 5CM A 3 -4.93 -12.78 6.29
O3' 5CM A 3 -7.92 -11.25 7.00
C5' 5CM A 3 -6.76 -14.35 5.92
O5' 5CM A 3 -6.66 -14.36 4.51
P 5CM A 3 -6.91 -15.71 3.67
OP1 5CM A 3 -8.21 -16.29 4.10
OP2 5CM A 3 -6.70 -15.42 2.23
H5A1 5CM A 3 -0.83 -12.42 2.29
H5A2 5CM A 3 -2.56 -12.35 1.89
H5A3 5CM A 3 -1.51 -10.94 1.62
H6 5CM A 3 -3.95 -12.07 3.74
HN41 5CM A 3 0.85 -9.87 4.70
HN42 5CM A 3 0.48 -10.66 3.16
H1' 5CM A 3 -4.74 -10.98 7.25
H2' 5CM A 3 -5.88 -10.92 4.44
H2'' 5CM A 3 -6.18 -9.82 5.80
H3' 5CM A 3 -7.73 -12.11 5.13
H4' 5CM A 3 -6.48 -13.06 7.60
H5' 5CM A 3 -6.12 -15.14 6.34
H5'' 5CM A 3 -7.78 -14.55 6.22
N1 5CM A 9 2.37 6.07 -6.21
C2 5CM A 9 1.05 5.60 -6.28
N3 5CM A 9 0.07 6.18 -5.55
C4 5CM A 9 0.37 7.21 -4.79
C5 5CM A 9 1.69 7.79 -4.73
C5A 5CM A 9 2.02 9.02 -3.89
C6 5CM A 9 2.66 7.19 -5.47
O2 5CM A 9 0.72 4.68 -7.02
N4 5CM A 9 -0.64 7.67 -4.11
C1' 5CM A 9 3.43 5.36 -6.99
C2' 5CM A 9 3.94 6.20 -8.16
C3' 5CM A 9 5.44 6.43 -7.92
C4' 5CM A 9 5.73 5.35 -6.87
O4' 5CM A 9 4.54 5.09 -6.15
O3' 5CM A 9 6.17 6.23 -9.12
C5' 5CM A 9 6.87 5.71 -5.90
O5' 5CM A 9 6.66 6.96 -5.24
P 5CM A 9 7.52 7.38 -3.95
OP1 5CM A 9 8.95 7.12 -4.24
OP2 5CM A 9 7.12 8.75 -3.55
H5A1 5CM A 9 1.83 8.81 -2.84
H5A2 5CM A 9 1.40 9.86 -4.20
H5A3 5CM A 9 3.08 9.30 -4.01
H6 5CM A 9 3.68 7.57 -5.47
HN41 5CM A 9 -1.54 7.21 -4.24
HN42 5CM A 9 -0.54 8.49 -3.54
H1' 5CM A 9 3.02 4.42 -7.36
H2' 5CM A 9 3.43 7.16 -8.24
H2'' 5CM A 9 3.81 5.66 -9.08
H3' 5CM A 9 5.61 7.42 -7.49
H4' 5CM A 9 6.01 4.44 -7.40
H5' 5CM A 9 6.96 4.91 -5.17
H5'' 5CM A 9 7.81 5.76 -6.47
P 8OG A 10 6.27 7.35 -10.29
OP1 8OG A 10 7.16 6.81 -11.33
OP2 8OG A 10 6.62 8.64 -9.64
O5' 8OG A 10 4.78 7.48 -10.90
C5' 8OG A 10 4.18 6.45 -11.68
C4' 8OG A 10 2.66 6.65 -11.84
O4' 8OG A 10 2.00 6.67 -10.56
C3' 8OG A 10 2.31 7.97 -12.56
O3' 8OG A 10 1.23 7.82 -13.48
C2' 8OG A 10 1.79 8.82 -11.41
C1' 8OG A 10 1.08 7.75 -10.58
N9 8OG A 10 0.56 8.21 -9.27
C8 8OG A 10 1.11 9.04 -8.33
N7 8OG A 10 0.32 9.38 -7.35
C5 8OG A 10 -0.89 8.79 -7.69
C6 8OG A 10 -2.17 8.85 -7.06
O6 8OG A 10 -2.49 9.42 -6.01
N1 8OG A 10 -3.15 8.15 -7.73
C2 8OG A 10 -2.93 7.48 -8.89
N2 8OG A 10 -3.95 6.86 -9.43
N3 8OG A 10 -1.75 7.39 -9.52
C4 8OG A 10 -0.76 8.07 -8.87
O8 8OG A 10 2.26 9.50 -8.35
H5' 8OG A 10 4.35 5.48 -11.21
H5'' 8OG A 10 4.64 6.43 -12.66
H4' 8OG A 10 2.27 5.82 -12.42
H3' 8OG A 10 3.18 8.42 -13.03
H2' 8OG A 10 2.62 9.26 -10.86
H2'' 8OG A 10 1.10 9.59 -11.75
H1' 8OG A 10 0.23 7.40 -11.16
H7 8OG A 10 0.55 10.01 -6.60
H1 8OG A 10 -4.08 8.16 -7.34
H21 8OG A 10 -4.87 6.93 -9.01
H22 8OG A 10 -3.80 6.38 -10.29
N1 5CM B 3 -8.08 7.48 -6.55
C2 5CM B 3 -6.78 7.54 -7.09
N3 5CM B 3 -5.75 8.08 -6.40
C4 5CM B 3 -5.99 8.50 -5.16
C5 5CM B 3 -7.28 8.41 -4.51
C5A 5CM B 3 -7.52 8.90 -3.10
C6 5CM B 3 -8.30 7.89 -5.25
O2 5CM B 3 -6.51 7.10 -8.22
N4 5CM B 3 -4.95 9.05 -4.58
C1' 5CM B 3 -9.22 7.05 -7.42
C2' 5CM B 3 -10.00 5.85 -6.91
C3' 5CM B 3 -11.39 6.02 -7.54
C4' 5CM B 3 -11.38 7.49 -7.98
O4' 5CM B 3 -10.17 8.08 -7.51
O3' 5CM B 3 -11.61 5.18 -8.67
C5' 5CM B 3 -12.60 8.30 -7.51
O5' 5CM B 3 -12.76 8.26 -6.11
P 5CM B 3 -13.82 9.21 -5.35
OP1 5CM B 3 -15.14 9.06 -6.01
OP2 5CM B 3 -13.72 8.97 -3.90
H5A1 5CM B 3 -8.57 8.77 -2.81
H5A2 5CM B 3 -7.27 9.96 -3.02
H5A3 5CM B 3 -6.90 8.35 -2.39
H6 5CM B 3 -9.28 7.83 -4.82
HN41 5CM B 3 -4.08 9.10 -5.10
HN42 5CM B 3 -5.04 9.42 -3.65
H1' 5CM B 3 -8.84 6.82 -8.42
H2' 5CM B 3 -10.09 5.86 -5.82
H2'' 5CM B 3 -9.53 4.93 -7.24
H3' 5CM B 3 -12.18 5.87 -6.80
H4' 5CM B 3 -11.36 7.52 -9.07
H5' 5CM B 3 -12.47 9.34 -7.84
H5'' 5CM B 3 -13.49 7.90 -7.99
N1 5CM B 9 4.26 -3.85 6.79
C2 5CM B 9 2.92 -4.20 6.61
N3 5CM B 9 2.57 -5.19 5.74
C4 5CM B 9 3.53 -5.82 5.10
C5 5CM B 9 4.94 -5.55 5.30
C5A 5CM B 9 6.04 -6.34 4.59
C6 5CM B 9 5.26 -4.57 6.17
O2 5CM B 9 2.01 -3.66 7.23
N4 5CM B 9 3.09 -6.73 4.28
C1' 5CM B 9 4.58 -2.73 7.73
C2' 5CM B 9 5.29 -3.22 9.00
C3' 5CM B 9 6.66 -2.55 9.03
C4' 5CM B 9 6.46 -1.41 8.00
O4' 5CM B 9 5.47 -1.83 7.08
O3' 5CM B 9 6.94 -2.04 10.33
C5' 5CM B 9 7.75 -1.00 7.27
O5' 5CM B 9 8.38 -2.10 6.62
P 5CM B 9 9.53 -1.88 5.51
OP1 5CM B 9 10.48 -0.86 6.03
OP2 5CM B 9 10.06 -3.22 5.12
H5A1 5CM B 9 5.96 -7.39 4.83
H5A2 5CM B 9 5.94 -6.21 3.51
H5A3 5CM B 9 7.03 -5.98 4.90
H6 5CM B 9 6.29 -4.31 6.36
HN41 5CM B 9 2.08 -6.87 4.22
HN42 5CM B 9 3.72 -7.32 3.77
H1' 5CM B 9 3.66 -2.21 7.99
H2' 5CM B 9 5.40 -4.30 9.01
H2'' 5CM B 9 4.72 -2.90 9.86
H3' 5CM B 9 7.44 -3.22 8.68
H4' 5CM B 9 6.09 -0.54 8.54
H5' 5CM B 9 7.48 -0.24 6.52
H5'' 5CM B 9 8.44 -0.56 7.98
P 8OG B 10 7.45 -2.98 11.53
OP1 8OG B 10 7.70 -2.11 12.71
OP2 8OG B 10 8.57 -3.81 11.02
O5' 8OG B 10 6.22 -3.97 11.89
C5' 8OG B 10 5.03 -3.50 12.52
C4' 8OG B 10 3.88 -4.54 12.41
O4' 8OG B 10 3.57 -4.83 11.05
C3' 8OG B 10 4.22 -5.87 13.12
O3' 8OG B 10 3.12 -6.42 13.83
C2' 8OG B 10 4.48 -6.78 11.93
C1' 8OG B 10 3.43 -6.24 10.95
N9 8OG B 10 3.47 -6.83 9.59
C8 8OG B 10 4.54 -7.15 8.78
N7 8OG B 10 4.23 -7.79 7.70
C5 8OG B 10 2.86 -8.01 7.81
C6 8OG B 10 1.96 -8.72 6.97
O6 8OG B 10 2.19 -9.28 5.89
N1 8OG B 10 0.67 -8.77 7.46
C2 8OG B 10 0.30 -8.17 8.62
N2 8OG B 10 -0.96 -8.28 8.97
N3 8OG B 10 1.11 -7.47 9.42
C4 8OG B 10 2.39 -7.43 8.97
O8 8OG B 10 5.72 -6.88 9.01
H5' 8OG B 10 4.70 -2.58 12.04
H5'' 8OG B 10 5.22 -3.29 13.56
H4' 8OG B 10 2.99 -4.10 12.89
H3' 8OG B 10 5.11 -5.78 13.75
H2' 8OG B 10 5.49 -6.64 11.55
H2'' 8OG B 10 4.30 -7.83 12.18
H1' 8OG B 10 2.45 -6.47 11.36
H7 8OG B 10 4.90 -8.13 7.02
H1 8OG B 10 -0.02 -9.26 6.93
H21 8OG B 10 -1.60 -8.84 8.42
H22 8OG B 10 -1.24 -7.86 9.85
N1 5CM A 3 -3.87 -10.74 5.49
C2 5CM A 3 -2.84 -10.14 6.24
N3 5CM A 3 -1.58 -10.04 5.74
C4 5CM A 3 -1.37 -10.46 4.50
C5 5CM A 3 -2.39 -11.02 3.65
C5A 5CM A 3 -2.12 -11.49 2.24
C6 5CM A 3 -3.62 -11.14 4.19
O2 5CM A 3 -3.01 -9.69 7.38
N4 5CM A 3 -0.12 -10.35 4.13
C1' 5CM A 3 -5.20 -10.98 6.14
C2' 5CM A 3 -6.39 -10.31 5.45
C3' 5CM A 3 -7.58 -11.19 5.85
C4' 5CM A 3 -6.90 -12.47 6.37
O4' 5CM A 3 -5.50 -12.36 6.11
O3' 5CM A 3 -8.37 -10.62 6.89
C5' 5CM A 3 -7.46 -13.76 5.75
O5' 5CM A 3 -7.41 -13.75 4.33
P 5CM A 3 -7.71 -15.07 3.46
OP1 5CM A 3 -9.01 -15.64 3.92
OP2 5CM A 3 -7.53 -14.76 2.03
H5A1 5CM A 3 -1.34 -12.26 2.23
H5A2 5CM A 3 -3.02 -11.91 1.78
H5A3 5CM A 3 -1.77 -10.65 1.62
H6 5CM A 3 -4.42 -11.57 3.61
HN41 5CM A 3 0.56 -9.98 4.79
HN42 5CM A 3 0.15 -10.67 3.21
H1' 5CM A 3 -5.17 -10.64 7.18
H2' 5CM A 3 -6.28 -10.32 4.37
H2'' 5CM A 3 -6.49 -9.29 5.81
H3' 5CM A 3 -8.21 -11.42 4.99
H4' 5CM A 3 -7.05 -12.53 7.45
H5' 5CM A 3 -6.88 -14.60 6.14
H5'' 5CM A 3 -8.49 -13.88 6.07
N1 5CM A 9 2.65 6.07 -6.32
C2 5CM A 9 1.36 5.54 -6.37
N3 5CM A 9 0.37 6.07 -5.60
C4 5CM A 9 0.67 7.09 -4.82
C5 5CM A 9 1.97 7.72 -4.78
C5A 5CM A 9 2.28 8.92 -3.90
C6 5CM A 9 2.94 7.17 -5.56
O2 5CM A 9 1.05 4.63 -7.12
N4 5CM A 9 -0.35 7.50 -4.10
C1' 5CM A 9 3.70 5.46 -7.19
C2' 5CM A 9 4.14 6.38 -8.33
C3' 5CM A 9 5.63 6.65 -8.14
C4' 5CM A 9 6.01 5.52 -7.17
O4' 5CM A 9 4.86 5.18 -6.41
O3' 5CM A 9 6.32 6.53 -9.38
C5' 5CM A 9 7.19 5.86 -6.24
O5' 5CM A 9 6.96 7.06 -5.50
P 5CM A 9 7.88 7.45 -4.23
OP1 5CM A 9 9.31 7.23 -4.60
OP2 5CM A 9 7.48 8.80 -3.77
H5A1 5CM A 9 2.12 8.68 -2.85
H5A2 5CM A 9 1.62 9.75 -4.16
H5A3 5CM A 9 3.31 9.25 -4.04
H6 5CM A 9 3.93 7.59 -5.57
HN41 5CM A 9 -1.23 7.02 -4.23
HN42 5CM A 9 -0.26 8.30 -3.52
H1' 5CM A 9 3.32 4.51 -7.60
H2' 5CM A 9 3.58 7.32 -8.34
H2'' 5CM A 9 3.98 5.87 -9.28
H3' 5CM A 9 5.79 7.62 -7.67
H4' 5CM A 9 6.29 4.64 -7.76
H5' 5CM A 9 7.34 5.03 -5.55
H5'' 5CM A 9 8.10 5.97 -6.84
P 8OG A 10 6.32 7.72 -10.49
OP1 8OG A 10 7.19 7.28 -11.61
OP2 8OG A 10 6.64 8.99 -9.80
O5' 8OG A 10 4.80 7.81 -11.04
C5' 8OG A 10 4.22 6.79 -11.84
C4' 8OG A 10 2.69 6.92 -11.94
O4' 8OG A 10 2.08 6.85 -10.64
C3' 8OG A 10 2.24 8.25 -12.58
O3' 8OG A 10 1.15 8.11 -13.47
C2' 8OG A 10 1.73 9.03 -11.37
C1' 8OG A 10 1.11 7.88 -10.59
N9 8OG A 10 0.60 8.24 -9.24
C8 8OG A 10 1.13 9.06 -8.26
N7 8OG A 10 0.34 9.31 -7.27
C5 8OG A 10 -0.85 8.68 -7.61
C6 8OG A 10 -2.12 8.65 -6.95
O6 8OG A 10 -2.44 9.15 -5.88
N1 8OG A 10 -3.08 7.96 -7.66
C2 8OG A 10 -2.84 7.35 -8.85
N2 8OG A 10 -3.85 6.72 -9.41
N3 8OG A 10 -1.67 7.34 -9.48
C4 8OG A 10 -0.71 8.03 -8.82
O8 8OG A 10 2.25 9.56 -8.28
H5' 8OG A 10 4.45 5.80 -11.44
H5'' 8OG A 10 4.64 6.83 -12.85
H4' 8OG A 10 2.31 6.10 -12.55
H3' 8OG A 10 3.07 8.78 -13.06
H2' 8OG A 10 2.57 9.47 -10.83
H2'' 8OG A 10 1.01 9.77 -11.65
H1' 8OG A 10 0.25 7.51 -11.16
H7 8OG A 10 0.55 9.91 -6.48
H1 8OG A 10 -4.01 7.91 -7.26
H21 8OG A 10 -4.77 6.75 -9.00
H22 8OG A 10 -3.69 6.27 -10.31
N1 5CM B 3 -8.00 7.22 -6.56
C2 5CM B 3 -6.70 7.28 -7.06
N3 5CM B 3 -5.69 7.78 -6.31
C4 5CM B 3 -5.96 8.17 -5.08
C5 5CM B 3 -7.27 8.10 -4.49
C5A 5CM B 3 -7.56 8.55 -3.06
C6 5CM B 3 -8.26 7.62 -5.28
O2 5CM B 3 -6.40 6.89 -8.19
N4 5CM B 3 -4.92 8.67 -4.45
C1' 5CM B 3 -9.10 6.74 -7.46
C2' 5CM B 3 -9.86 5.51 -6.95
C3' 5CM B 3 -11.23 5.63 -7.62
C4' 5CM B 3 -11.27 7.11 -8.05
O4' 5CM B 3 -10.09 7.74 -7.59
O3' 5CM B 3 -11.37 4.79 -8.76
C5' 5CM B 3 -12.51 7.86 -7.54
O5' 5CM B 3 -12.65 7.80 -6.13
P 5CM B 3 -13.81 8.62 -5.37
OP1 5CM B 3 -15.10 8.31 -6.02
OP2 5CM B 3 -13.67 8.38 -3.91
H5A1 5CM B 3 -7.26 9.59 -2.94
H5A2 5CM B 3 -7.00 7.94 -2.36
H5A3 5CM B 3 -8.63 8.47 -2.83
H6 5CM B 3 -9.28 7.58 -4.89
HN41 5CM B 3 -4.05 8.74 -4.95
HN42 5CM B 3 -5.03 9.03 -3.52
H1' 5CM B 3 -8.71 6.51 -8.45
H2' 5CM B 3 -9.98 5.55 -5.87
H2'' 5CM B 3 -9.34 4.60 -7.24
H3' 5CM B 3 -12.03 5.43 -6.90
H4' 5CM B 3 -11.28 7.15 -9.14
H5' 5CM B 3 -12.44 8.90 -7.86
H5'' 5CM B 3 -13.40 7.43 -8.02
N1 5CM B 9 4.36 -4.15 6.87
C2 5CM B 9 3.00 -4.42 6.69
N3 5CM B 9 2.59 -5.38 5.83
C4 5CM B 9 3.51 -6.07 5.18
C5 5CM B 9 4.94 -5.89 5.38
C5A 5CM B 9 5.98 -6.74 4.67
C6 5CM B 9 5.31 -4.92 6.25
O2 5CM B 9 2.12 -3.82 7.32
N4 5CM B 9 3.00 -6.95 4.36
C1' 5CM B 9 4.75 -3.05 7.80
C2' 5CM B 9 5.40 -3.58 9.08
C3' 5CM B 9 6.82 -3.00 9.13
C4' 5CM B 9 6.71 -1.86 8.10
O4' 5CM B 9 5.70 -2.21 7.17
O3' 5CM B 9 7.12 -2.53 10.43
C5' 5CM B 9 8.04 -1.54 7.39
O5' 5CM B 9 8.61 -2.69 6.76
P 5CM B 9 9.80 -2.55 5.68
OP1 5CM B 9 10.82 -1.62 6.23
OP2 5CM B 9 10.23 -3.92 5.29
H5A1 5CM B 9 6.98 -6.45 4.98
H5A2 5CM B 9 5.83 -7.79 4.89
H5A3 5CM B 9 5.89 -6.60 3.58
H6 5CM B 9 6.35 -4.73 6.44
HN41 5CM B 9 2.00 -7.01 4.30
HN42 5CM B 9 3.61 -7.57 3.85
H1' 5CM B 9 3.86 -2.45 8.05
H2' 5CM B 9 5.43 -4.66 9.11
H2'' 5CM B 9 4.84 -3.22 9.94
H3' 5CM B 9 7.54 -3.75 8.78
H4' 5CM B 9 6.39 -0.97 8.65
H5' 5CM B 9 7.84 -0.77 6.65
H5'' 5CM B 9 8.75 -1.14 8.12
P 8OG B 10 7.56 -3.51 11.64
OP1 8OG B 10 7.85 -2.65 12.82
OP2 8OG B 10 8.63 -4.42 11.14
O5' 8OG B 10 6.26 -4.40 11.97
C5' 8OG B 10 5.09 -3.85 12.59
C4' 8OG B 10 3.88 -4.81 12.47
O4' 8OG B 10 3.56 -5.08 11.10
C3' 8OG B 10 4.12 -6.16 13.17
O3' 8OG B 10 2.99 -6.64 13.88
C2' 8OG B 10 4.33 -7.09 11.98
C1' 8OG B 10 3.32 -6.47 11.01
N9 8OG B 10 3.33 -7.06 9.64
C8 8OG B 10 4.39 -7.46 8.84
N7 8OG B 10 4.04 -8.10 7.76
C5 8OG B 10 2.66 -8.23 7.86
C6 8OG B 10 1.72 -8.90 7.02
O6 8OG B 10 1.93 -9.50 5.96
N1 8OG B 10 0.43 -8.83 7.50
C2 8OG B 10 0.09 -8.20 8.65
N2 8OG B 10 -1.19 -8.22 8.98
N3 8OG B 10 0.93 -7.55 9.45
C4 8OG B 10 2.22 -7.59 9.01
O8 8OG B 10 5.57 -7.26 9.07
H5' 8OG B 10 4.83 -2.91 12.11
H5'' 8OG B 10 5.29 -3.66 13.64
H4' 8OG B 10 3.02 -4.32 12.94
H3' 8OG B 10 5.01 -6.14 13.81
H2' 8OG B 10 5.34 -7.01 11.60
H2'' 8OG B 10 4.07 -8.11 12.22
H1' 8OG B 10 2.32 -6.63 11.40
H7 8OG B 10 4.69 -8.49 7.08
H1 8OG B 10 -0.29 -9.29 6.96
H21 8OG B 10 -1.86 -8.73 8.43
H22 8OG B 10 -1.45 -7.76 9.84
N1 5CM A 3 -3.73 -10.86 5.43
C2 5CM A 3 -2.72 -10.24 6.18
N3 5CM A 3 -1.47 -10.09 5.68
C4 5CM A 3 -1.25 -10.48 4.43
C5 5CM A 3 -2.26 -11.07 3.58
C5A 5CM A 3 -1.98 -11.53 2.15
C6 5CM A 3 -3.49 -11.24 4.13
O2 5CM A 3 -2.90 -9.81 7.32
N4 5CM A 3 -0.01 -10.34 4.04
C1' 5CM A 3 -5.05 -11.15 6.08
C2' 5CM A 3 -6.27 -10.52 5.41
C3' 5CM A 3 -7.43 -11.43 5.81
C4' 5CM A 3 -6.70 -12.70 6.31
O4' 5CM A 3 -5.32 -12.53 6.05
O3' 5CM A 3 -8.24 -10.89 6.85
C5' 5CM A 3 -7.24 -14.01 5.71
O5' 5CM A 3 -7.20 -13.99 4.29
P 5CM A 3 -7.46 -15.33 3.43
OP1 5CM A 3 -8.73 -15.96 3.92
OP2 5CM A 3 -7.33 -15.01 1.99
H5A1 5CM A 3 -1.18 -12.26 2.14
H5A2 5CM A 3 -2.87 -11.96 1.70
H5A3 5CM A 3 -1.66 -10.66 1.55
H6 5CM A 3 -4.28 -11.70 3.54
HN41 5CM A 3 0.66 -9.95 4.71
HN42 5CM A 3 0.26 -10.63 3.13
H1' 5CM A 3 -5.03 -10.81 7.13
H2' 5CM A 3 -6.16 -10.52 4.32
H2'' 5CM A 3 -6.40 -9.50 5.77
H3' 5CM A 3 -8.05 -11.67 4.95
H4' 5CM A 3 -6.83 -12.75 7.40
H5' 5CM A 3 -6.62 -14.83 6.08
H5'' 5CM A 3 -8.26 -14.16 6.04
N1 5CM A 9 2.38 5.99 -6.17
C2 5CM A 9 1.07 5.50 -6.22
N3 5CM A 9 0.09 6.08 -5.49
C4 5CM A 9 0.38 7.13 -4.75
C5 5CM A 9 1.70 7.73 -4.72
C5A 5CM A 9 2.02 8.98 -3.91
C6 5CM A 9 2.66 7.13 -5.45
O2 5CM A 9 0.75 4.55 -6.94
N4 5CM A 9 -0.63 7.59 -4.07
C1' 5CM A 9 3.44 5.28 -6.95
C2' 5CM A 9 3.92 6.10 -8.14
C3' 5CM A 9 5.41 6.36 -7.93
C4' 5CM A 9 5.75 5.31 -6.86
O4' 5CM A 9 4.56 5.05 -6.12
O3' 5CM A 9 6.15 6.13 -9.13
C5' 5CM A 9 6.90 5.71 -5.92
O5' 5CM A 9 6.67 6.98 -5.29
P 5CM A 9 7.55 7.46 -4.03
OP1 5CM A 9 8.98 7.23 -4.35
OP2 5CM A 9 7.11 8.84 -3.67
H5A1 5CM A 9 1.38 9.81 -4.23
H5A2 5CM A 9 3.07 9.28 -4.05
H5A3 5CM A 9 1.84 8.78 -2.85
H6 5CM A 9 3.68 7.53 -5.47
HN41 5CM A 9 -1.52 7.11 -4.18
HN42 5CM A 9 -0.54 8.41 -3.52
H1' 5CM A 9 3.03 4.32 -7.30
H2' 5CM A 9 3.38 7.05 -8.25
H2'' 5CM A 9 3.78 5.53 -9.05
H3' 5CM A 9 5.57 7.36 -7.52
H4' 5CM A 9 6.03 4.38 -7.37
H5' 5CM A 9 7.00 4.94 -5.16
H5'' 5CM A 9 7.82 5.76 -6.50
P 8OG A 10 6.21 7.22 -10.32
OP1 8OG A 10 7.09 6.67 -11.39
OP2 8OG A 10 6.56 8.54 -9.73
O5' 8OG A 10 4.72 7.32 -10.92
C5' 8OG A 10 4.12 6.27 -11.67
C4' 8OG A 10 2.60 6.46 -11.81
O4' 8OG A 10 1.95 6.48 -10.53
C3' 8OG A 10 2.23 7.77 -12.54
O3' 8OG A 10 1.15 7.61 -13.45
C2' 8OG A 10 1.71 8.62 -11.39
C1' 8OG A 10 1.01 7.54 -10.56
N9 8OG A 10 0.48 8.01 -9.25
C8 8OG A 10 1.02 8.87 -8.32
N7 8OG A 10 0.23 9.20 -7.35
C5 8OG A 10 -0.98 8.60 -7.68
C6 8OG A 10 -2.27 8.65 -7.05
O6 8OG A 10 -2.58 9.22 -6.01
N1 8OG A 10 -3.24 7.95 -7.73
C2 8OG A 10 -3.01 7.27 -8.88
N2 8OG A 10 -4.02 6.65 -9.42
N3 8OG A 10 -1.82 7.19 -9.49
C4 8OG A 10 -0.84 7.87 -8.85
O8 8OG A 10 2.16 9.33 -8.33
H5' 8OG A 10 4.31 5.31 -11.18
H5'' 8OG A 10 4.57 6.23 -12.66
H4' 8OG A 10 2.20 5.62 -12.39
H3' 8OG A 10 3.10 8.23 -13.02
H2' 8OG A 10 2.54 9.07 -10.85
H2'' 8OG A 10 1.01 9.38 -11.73
H1' 8OG A 10 0.17 7.17 -11.13
H7 8OG A 10 0.45 9.83 -6.60
H1 8OG A 10 -4.16 7.95 -7.34
H21 8OG A 10 -4.95 6.72 -9.01
H22 8OG A 10 -3.87 6.15 -10.28
N1 5CM B 3 -8.16 7.33 -6.56
C2 5CM B 3 -6.87 7.36 -7.09
N3 5CM B 3 -5.84 7.89 -6.38
C4 5CM B 3 -6.09 8.33 -5.16
C5 5CM B 3 -7.39 8.27 -4.53
C5A 5CM B 3 -7.65 8.79 -3.12
C6 5CM B 3 -8.39 7.76 -5.28
O2 5CM B 3 -6.59 6.92 -8.21
N4 5CM B 3 -5.05 8.86 -4.57
C1' 5CM B 3 -9.30 6.87 -7.43
C2' 5CM B 3 -10.08 5.67 -6.91
C3' 5CM B 3 -11.47 5.83 -7.57
C4' 5CM B 3 -11.45 7.30 -8.05
O4' 5CM B 3 -10.26 7.90 -7.56
O3' 5CM B 3 -11.66 4.96 -8.68
C5' 5CM B 3 -12.69 8.11 -7.63
O5' 5CM B 3 -12.88 8.10 -6.22
P 5CM B 3 -13.97 9.06 -5.52
OP1 5CM B 3 -15.27 8.90 -6.23
OP2 5CM B 3 -13.92 8.84 -4.06
H5A1 5CM B 3 -7.37 9.83 -3.05
H5A2 5CM B 3 -7.04 8.22 -2.41
H5A3 5CM B 3 -8.70 8.68 -2.85
H6 5CM B 3 -9.39 7.72 -4.87
HN41 5CM B 3 -4.17 8.91 -5.08
HN42 5CM B 3 -5.14 9.26 -3.65
H1' 5CM B 3 -8.92 6.62 -8.43
H2' 5CM B 3 -10.20 5.73 -5.82
H2'' 5CM B 3 -9.60 4.75 -7.20
H3' 5CM B 3 -12.26 5.69 -6.83
H4' 5CM B 3 -11.40 7.30 -9.14
H5' 5CM B 3 -12.55 9.14 -7.98
H5'' 5CM B 3 -13.57 7.70 -8.13
N1 5CM B 9 4.32 -4.03 6.86
C2 5CM B 9 2.97 -4.33 6.67
N3 5CM B 9 2.59 -5.30 5.81
C4 5CM B 9 3.53 -5.97 5.17
C5 5CM B 9 4.95 -5.76 5.37
C5A 5CM B 9 6.02 -6.57 4.66
C6 5CM B 9 5.30 -4.78 6.25
O2 5CM B 9 2.07 -3.77 7.30
N4 5CM B 9 3.05 -6.86 4.33
C1' 5CM B 9 4.68 -2.93 7.79
C2' 5CM B 9 5.34 -3.44 9.08
C3' 5CM B 9 6.74 -2.82 9.12
C4' 5CM B 9 6.60 -1.68 8.10
O4' 5CM B 9 5.61 -2.06 7.16
O3' 5CM B 9 7.03 -2.33 10.43
C5' 5CM B 9 7.92 -1.33 7.38
O5' 5CM B 9 8.51 -2.47 6.74
P 5CM B 9 9.69 -2.30 5.67
OP1 5CM B 9 10.69 -1.35 6.20
OP2 5CM B 9 10.14 -3.67 5.26
H5A1 5CM B 9 5.94 -6.45 3.59
H5A2 5CM B 9 7.02 -6.26 5.00
H5A3 5CM B 9 5.89 -7.64 4.90
H6 5CM B 9 6.34 -4.57 6.45
HN41 5CM B 9 2.04 -6.95 4.28
HN42 5CM B 9 3.67 -7.47 3.84
H1' 5CM B 9 3.77 -2.37 8.06
H2' 5CM B 9 5.41 -4.54 9.09
H2'' 5CM B 9 4.78 -3.11 9.94
H3' 5CM B 9 7.49 -3.54 8.78
H4' 5CM B 9 6.26 -0.80 8.64
H5' 5CM B 9 7.70 -0.57 6.63
H5'' 5CM B 9 8.62 -0.92 8.10
P 8OG B 10 7.49 -3.30 11.65
OP1 8OG B 10 7.72 -2.43 12.83
OP2 8OG B 10 8.60 -4.15 11.15
O5' 8OG B 10 6.22 -4.25 11.96
C5' 8OG B 10 5.03 -3.76 12.57
C4' 8OG B 10 3.87 -4.77 12.43
O4' 8OG B 10 3.55 -5.04 11.07
C3' 8OG B 10 4.18 -6.12 13.11
O3' 8OG B 10 3.08 -6.66 13.83
C2' 8OG B 10 4.40 -7.03 11.91
C1' 8OG B 10 3.36 -6.44 10.95
N9 8OG B 10 3.38 -7.02 9.59
C8 8OG B 10 4.43 -7.37 8.77
N7 8OG B 10 4.11 -8.01 7.69
C5 8OG B 10 2.73 -8.18 7.81
C6 8OG B 10 1.80 -8.88 6.96
O6 8OG B 10 2.02 -9.45 5.90
N1 8OG B 10 0.52 -8.86 7.45
C2 8OG B 10 0.16 -8.25 8.61
N2 8OG B 10 -1.10 -8.32 8.96
N3 8OG B 10 0.99 -7.59 9.41
C4 8OG B 10 2.28 -7.58 8.96
O8 8OG B 10 5.61 -7.13 8.98
H5' 8OG B 10 4.72 -2.83 12.10
H5'' 8OG B 10 5.21 -3.57 13.62
H4' 8OG B 10 2.99 -4.34 12.92
H3' 8OG B 10 5.08 -6.07 13.74
H2' 8OG B 10 5.41 -6.90 11.51
H2'' 8OG B 10 4.20 -8.07 12.14
H1' 8OG B 10 2.38 -6.64 11.37
H7 8OG B 10 4.75 -8.38 7.01
H1 8OG B 10 -0.19 -9.33 6.91
H21 8OG B 10 -1.77 -8.84 8.38
H22 8OG B 10 -1.38 -7.88 9.82
N1 5CM A 3 -3.84 -10.75 5.54
C2 5CM A 3 -2.82 -10.14 6.28
N3 5CM A 3 -1.56 -10.02 5.77
C4 5CM A 3 -1.35 -10.42 4.54
C5 5CM A 3 -2.38 -11.00 3.69
C5A 5CM A 3 -2.11 -11.46 2.26
C6 5CM A 3 -3.61 -11.14 4.24
O2 5CM A 3 -3.00 -9.70 7.42
N4 5CM A 3 -0.10 -10.31 4.14
C1' 5CM A 3 -5.16 -11.01 6.19
C2' 5CM A 3 -6.37 -10.36 5.52
C3' 5CM A 3 -7.55 -11.26 5.93
C4' 5CM A 3 -6.84 -12.54 6.43
O4' 5CM A 3 -5.45 -12.39 6.17
O3' 5CM A 3 -8.34 -10.71 6.97
C5' 5CM A 3 -7.39 -13.84 5.81
O5' 5CM A 3 -7.34 -13.81 4.40
P 5CM A 3 -7.63 -15.15 3.53
OP1 5CM A 3 -8.91 -15.73 3.99
OP2 5CM A 3 -7.48 -14.81 2.09
H5A1 5CM A 3 -1.78 -10.61 1.66
H5A2 5CM A 3 -1.32 -12.22 2.27
H5A3 5CM A 3 -3.01 -11.88 1.81
H6 5CM A 3 -4.41 -11.58 3.66
HN41 5CM A 3 0.57 -9.92 4.80
HN42 5CM A 3 0.16 -10.61 3.23
H1' 5CM A 3 -5.13 -10.68 7.24
H2' 5CM A 3 -6.28 -10.36 4.44
H2'' 5CM A 3 -6.49 -9.34 5.88
H3' 5CM A 3 -8.17 -11.49 5.07
H4' 5CM A 3 -6.98 -12.60 7.52
H5' 5CM A 3 -6.79 -14.67 6.19
H5'' 5CM A 3 -8.42 -13.98 6.15
N1 5CM A 9 2.51 6.05 -6.41
C2 5CM A 9 1.21 5.52 -6.47
N3 5CM A 9 0.23 6.04 -5.70
C4 5CM A 9 0.50 7.07 -4.91
C5 5CM A 9 1.81 7.70 -4.86
C5A 5CM A 9 2.10 8.92 -3.99
C6 5CM A 9 2.78 7.16 -5.64
O2 5CM A 9 0.90 4.60 -7.22
N4 5CM A 9 -0.52 7.47 -4.20
C1' 5CM A 9 3.57 5.42 -7.24
C2' 5CM A 9 4.02 6.34 -8.39
C3' 5CM A 9 5.51 6.60 -8.18
C4' 5CM A 9 5.87 5.49 -7.18
O4' 5CM A 9 4.70 5.16 -6.45
O3' 5CM A 9 6.23 6.47 -9.40
C5' 5CM A 9 7.03 5.84 -6.23
O5' 5CM A 9 6.79 7.05 -5.51
P 5CM A 9 7.68 7.46 -4.23
OP1 5CM A 9 9.11 7.23 -4.56
OP2 5CM A 9 7.25 8.81 -3.79
H5A1 5CM A 9 3.15 9.23 -4.13
H5A2 5CM A 9 1.95 8.67 -2.94
H5A3 5CM A 9 1.45 9.74 -4.26
H6 5CM A 9 3.78 7.57 -5.64
HN41 5CM A 9 -1.39 6.99 -4.34
HN42 5CM A 9 -0.43 8.29 -3.62
H1' 5CM A 9 3.19 4.48 -7.67
H2' 5CM A 9 3.48 7.28 -8.40
H2'' 5CM A 9 3.88 5.83 -9.33
H3' 5CM A 9 5.67 7.58 -7.70
H4' 5CM A 9 6.18 4.61 -7.77
H5' 5CM A 9 7.16 5.01 -5.53
H5'' 5CM A 9 7.95 5.95 -6.81
P 8OG A 10 6.25 7.65 -10.51
OP1 8OG A 10 7.13 7.19 -11.63
OP2 8OG A 10 6.59 8.92 -9.83
O5' 8OG A 10 4.75 7.76 -11.08
C5' 8OG A 10 4.16 6.75 -11.90
C4' 8OG A 10 2.63 6.91 -12.01
O4' 8OG A 10 2.00 6.84 -10.72
C3' 8OG A 10 2.21 8.24 -12.65
O3' 8OG A 10 1.14 8.13 -13.56
C2' 8OG A 10 1.69 9.01 -11.44
C1' 8OG A 10 1.03 7.87 -10.67
N9 8OG A 10 0.51 8.24 -9.33
C8 8OG A 10 1.03 9.06 -8.35
N7 8OG A 10 0.25 9.31 -7.36
C5 8OG A 10 -0.94 8.68 -7.71
C6 8OG A 10 -2.22 8.65 -7.05
O6 8OG A 10 -2.54 9.17 -5.98
N1 8OG A 10 -3.18 7.94 -7.75
C2 8OG A 10 -2.93 7.34 -8.94
N2 8OG A 10 -3.93 6.70 -9.49
N3 8OG A 10 -1.76 7.32 -9.57
C4 8OG A 10 -0.80 8.02 -8.91
O8 8OG A 10 2.16 9.54 -8.35
H5' 8OG A 10 4.37 5.76 -11.48
H5'' 8OG A 10 4.59 6.79 -12.90
H4' 8OG A 10 2.25 6.09 -12.63
H3' 8OG A 10 3.06 8.77 -13.10
H2' 8OG A 10 2.51 9.45 -10.88
H2'' 8OG A 10 0.97 9.78 -11.73
H1' 8OG A 10 0.18 7.51 -11.25
H7 8OG A 10 0.46 9.92 -6.58
H1 8OG A 10 -4.09 7.90 -7.35
H21 8OG A 10 -4.86 6.71 -9.07
H22 8OG A 10 -3.78 6.25 -10.38
N1 5CM B 3 -8.07 7.09 -6.58
C2 5CM B 3 -6.78 7.19 -7.11
N3 5CM B 3 -5.77 7.73 -6.39
C4 5CM B 3 -6.01 8.08 -5.15
C5 5CM B 3 -7.30 7.95 -4.50
C5A 5CM B 3 -7.57 8.39 -3.07
C6 5CM B 3 -8.30 7.45 -5.27
O2 5CM B 3 -6.51 6.81 -8.25
N4 5CM B 3 -4.98 8.64 -4.54
C1' 5CM B 3 -9.19 6.63 -7.45
C2' 5CM B 3 -9.93 5.38 -6.97
C3' 5CM B 3 -11.33 5.51 -7.61
C4' 5CM B 3 -11.37 6.99 -8.03
O4' 5CM B 3 -10.20 7.62 -7.52
O3' 5CM B 3 -11.51 4.67 -8.74
C5' 5CM B 3 -12.64 7.73 -7.58
O5' 5CM B 3 -12.85 7.64 -6.18
P 5CM B 3 -13.97 8.53 -5.44
OP1 5CM B 3 -15.25 8.36 -6.16
OP2 5CM B 3 -13.93 8.23 -3.98
H5A1 5CM B 3 -8.61 8.24 -2.79
H5A2 5CM B 3 -7.32 9.44 -2.95
H5A3 5CM B 3 -6.93 7.81 -2.40
H6 5CM B 3 -9.29 7.35 -4.85
HN41 5CM B 3 -4.12 8.72 -5.06
HN42 5CM B 3 -5.08 8.97 -3.60
H1' 5CM B 3 -8.82 6.43 -8.46
H2' 5CM B 3 -10.03 5.37 -5.89
H2'' 5CM B 3 -9.41 4.49 -7.31
H3' 5CM B 3 -12.10 5.31 -6.87
H4' 5CM B 3 -11.33 7.03 -9.12
H5' 5CM B 3 -12.54 8.78 -7.86
H5'' 5CM B 3 -13.50 7.31 -8.10
N1 5CM B 9 4.29 -4.05 6.89
C2 5CM B 9 2.92 -4.33 6.71
N3 5CM B 9 2.52 -5.29 5.85
C4 5CM B 9 3.45 -5.96 5.19
C5 5CM B 9 4.86 -5.77 5.37
C5A 5CM B 9 5.92 -6.59 4.64
C6 5CM B 9 5.24 -4.80 6.25
O2 5CM B 9 2.05 -3.76 7.36
N4 5CM B 9 2.94 -6.85 4.36
C1' 5CM B 9 4.67 -2.95 7.82
C2' 5CM B 9 5.35 -3.49 9.10
C3' 5CM B 9 6.74 -2.89 9.13
C4' 5CM B 9 6.62 -1.74 8.13
O4' 5CM B 9 5.60 -2.09 7.19
O3' 5CM B 9 7.06 -2.42 10.44
C5' 5CM B 9 7.93 -1.39 7.39
O5' 5CM B 9 8.50 -2.53 6.75
P 5CM B 9 9.68 -2.36 5.66
OP1 5CM B 9 10.69 -1.42 6.20
OP2 5CM B 9 10.13 -3.71 5.25
H5A1 5CM B 9 5.79 -7.65 4.87
H5A2 5CM B 9 5.82 -6.46 3.57
H5A3 5CM B 9 6.93 -6.29 4.95
H6 5CM B 9 6.28 -4.59 6.43
HN41 5CM B 9 1.93 -6.94 4.32
HN42 5CM B 9 3.56 -7.46 3.85
H1' 5CM B 9 3.77 -2.38 8.10
H2' 5CM B 9 5.38 -4.58 9.11
H2'' 5CM B 9 4.79 -3.14 9.96
H3' 5CM B 9 7.48 -3.62 8.77
H4' 5CM B 9 6.28 -0.86 8.67
H5' 5CM B 9 7.71 -0.62 6.65
H5'' 5CM B 9 8.63 -1.00 8.12
P 8OG B 10 7.53 -3.40 11.63
OP1 8OG B 10 7.83 -2.56 12.81
OP2 8OG B 10 8.60 -4.29 11.10
O5' 8OG B 10 6.24 -4.32 11.98
C5' 8OG B 10 5.07 -3.79 12.60
C4' 8OG B 10 3.88 -4.76 12.51
O4' 8OG B 10 3.55 -5.03 11.13
C3' 8OG B 10 4.15 -6.12 13.18
O3' 8OG B 10 3.03 -6.61 13.90
C2' 8OG B 10 4.35 -7.03 11.98
C1' 8OG B 10 3.33 -6.43 11.03
N9 8OG B 10 3.34 -7.00 9.66
C8 8OG B 10 4.39 -7.37 8.85
N7 8OG B 10 4.06 -8.01 7.76
C5 8OG B 10 2.67 -8.16 7.88
C6 8OG B 10 1.73 -8.83 7.04
O6 8OG B 10 1.93 -9.42 5.98
N1 8OG B 10 0.44 -8.79 7.53
C2 8OG B 10 0.09 -8.17 8.68
N2 8OG B 10 -1.17 -8.21 9.03
N3 8OG B 10 0.94 -7.52 9.48
C4 8OG B 10 2.22 -7.54 9.03
O8 8OG B 10 5.57 -7.17 9.06
H5' 8OG B 10 4.80 -2.85 12.15
H5'' 8OG B 10 5.28 -3.60 13.66
H4' 8OG B 10 3.02 -4.29 12.99
H3' 8OG B 10 5.05 -6.09 13.82
H2' 8OG B 10 5.36 -6.93 11.60
H2'' 8OG B 10 4.12 -8.06 12.23
H1' 8OG B 10 2.33 -6.60 11.44
H7 8OG B 10 4.69 -8.39 7.08
H1 8OG B 10 -0.28 -9.25 6.99
H21 8OG B 10 -1.85 -8.73 8.47
H22 8OG B 10 -1.44 -7.77 9.89
N1 5CM A 3 -3.63 -10.84 5.57
C2 5CM A 3 -2.62 -10.17 6.27
N3 5CM A 3 -1.39 -9.99 5.72
C4 5CM A 3 -1.18 -10.42 4.48
C5 5CM A 3 -2.20 -11.09 3.69
C5A 5CM A 3 -1.94 -11.59 2.27
C6 5CM A 3 -3.40 -11.28 4.28
O2 5CM A 3 -2.78 -9.71 7.39
N4 5CM A 3 0.04 -10.24 4.06
C1' 5CM A 3 -4.93 -11.11 6.24
C2' 5CM A 3 -6.15 -10.51 5.53
C3' 5CM A 3 -7.30 -11.42 6.00
C4' 5CM A 3 -6.57 -12.67 6.49
O4' 5CM A 3 -5.18 -12.49 6.29
O3' 5CM A 3 -8.07 -10.85 7.05
C5' 5CM A 3 -7.04 -13.97 5.81
O5' 5CM A 3 -6.92 -13.91 4.40
P 5CM A 3 -7.26 -15.19 3.49
OP1 5CM A 3 -8.61 -15.70 3.86
OP2 5CM A 3 -7.00 -14.84 2.06
H5A1 5CM A 3 -2.81 -12.10 1.87
H5A2 5CM A 3 -1.71 -10.74 1.63
H5A3 5CM A 3 -1.08 -12.27 2.26
H6 5CM A 3 -4.19 -11.81 3.75
HN41 5CM A 3 0.71 -9.81 4.69
HN42 5CM A 3 0.30 -10.57 3.14
H1' 5CM A 3 -4.91 -10.71 7.26
H2' 5CM A 3 -6.06 -10.58 4.45
H2'' 5CM A 3 -6.30 -9.48 5.83
H3' 5CM A 3 -7.96 -11.67 5.16
H4' 5CM A 3 -6.75 -12.77 7.57
H5' 5CM A 3 -6.45 -14.80 6.20
H5'' 5CM A 3 -8.08 -14.14 6.08
N1 5CM A 9 2.48 6.19 -6.26
C2 5CM A 9 1.18 5.66 -6.32
N3 5CM A 9 0.18 6.20 -5.57
C4 5CM A 9 0.46 7.24 -4.81
C5 5CM A 9 1.76 7.87 -4.76
C5A 5CM A 9 2.05 9.10 -3.93
C6 5CM A 9 2.74 7.31 -5.52
O2 5CM A 9 0.88 4.73 -7.06
N4 5CM A 9 -0.57 7.67 -4.12
C1' 5CM A 9 3.55 5.53 -7.07
C2' 5CM A 9 4.00 6.41 -8.24
C3' 5CM A 9 5.48 6.68 -8.03
C4' 5CM A 9 5.86 5.61 -7.00
O4' 5CM A 9 4.69 5.30 -6.26
O3' 5CM A 9 6.21 6.53 -9.25
C5' 5CM A 9 7.01 6.01 -6.06
O5' 5CM A 9 6.75 7.23 -5.38
P 5CM A 9 7.64 7.68 -4.11
OP1 5CM A 9 9.07 7.47 -4.43
OP2 5CM A 9 7.20 9.04 -3.69
H5A1 5CM A 9 3.09 9.42 -4.05
H5A2 5CM A 9 1.88 8.89 -2.87
H5A3 5CM A 9 1.40 9.93 -4.22
H6 5CM A 9 3.74 7.73 -5.53
HN41 5CM A 9 -1.45 7.17 -4.24
HN42 5CM A 9 -0.49 8.48 -3.55
H1' 5CM A 9 3.17 4.57 -7.44
H2' 5CM A 9 3.43 7.34 -8.29
H2'' 5CM A 9 3.87 5.85 -9.16
H3' 5CM A 9 5.62 7.68 -7.59
H4' 5CM A 9 6.15 4.71 -7.55
H5' 5CM A 9 7.15 5.21 -5.33
H5'' 5CM A 9 7.93 6.09 -6.65
P 8OG A 10 6.21 7.66 -10.41
OP1 8OG A 10 7.11 7.18 -11.49
OP2 8OG A 10 6.53 8.97 -9.77
O5' 8OG A 10 4.70 7.73 -10.98
C5' 8OG A 10 4.14 6.69 -11.76
C4' 8OG A 10 2.61 6.82 -11.87
O4' 8OG A 10 1.98 6.80 -10.59
C3' 8OG A 10 2.18 8.13 -12.57
O3' 8OG A 10 1.10 7.95 -13.49
C2' 8OG A 10 1.63 8.94 -11.40
C1' 8OG A 10 0.99 7.81 -10.59
N9 8OG A 10 0.46 8.25 -9.27
C8 8OG A 10 0.99 9.10 -8.32
N7 8OG A 10 0.19 9.39 -7.34
C5 8OG A 10 -1.00 8.76 -7.67
C6 8OG A 10 -2.28 8.76 -7.03
O6 8OG A 10 -2.61 9.31 -5.98
N1 8OG A 10 -3.24 8.03 -7.71
C2 8OG A 10 -2.99 7.38 -8.88
N2 8OG A 10 -3.99 6.73 -9.42
N3 8OG A 10 -1.81 7.34 -9.50
C4 8OG A 10 -0.84 8.06 -8.85
O8 8OG A 10 2.11 9.58 -8.33
H5' 8OG A 10 4.36 5.72 -11.30
H5'' 8OG A 10 4.57 6.69 -12.75
H4' 8OG A 10 2.24 5.97 -12.46
H3' 8OG A 10 3.03 8.63 -13.05
H2' 8OG A 10 2.44 9.42 -10.86
H2'' 8OG A 10 0.91 9.67 -11.73
H1' 8OG A 10 0.15 7.43 -11.15
H7 8OG A 10 0.40 10.03 -6.58
H1 8OG A 10 -4.16 8.00 -7.32
H21 8OG A 10 -4.92 6.76 -9.00
H22 8OG A 10 -3.83 6.24 -10.29
N1 5CM B 3 -8.14 7.20 -6.53
C2 5CM B 3 -6.84 7.29 -7.06
N3 5CM B 3 -5.84 7.86 -6.36
C4 5CM B 3 -6.09 8.26 -5.13
C5 5CM B 3 -7.38 8.14 -4.49
C5A 5CM B 3 -7.64 8.62 -3.07
C6 5CM B 3 -8.37 7.60 -5.24
O2 5CM B 3 -6.56 6.87 -8.20
N4 5CM B 3 -5.06 8.82 -4.54
C1' 5CM B 3 -9.26 6.72 -7.40
C2' 5CM B 3 -9.99 5.48 -6.89
C3' 5CM B 3 -11.39 5.60 -7.53
C4' 5CM B 3 -11.43 7.06 -7.99
O4' 5CM B 3 -10.26 7.71 -7.50
O3' 5CM B 3 -11.56 4.73 -8.66
C5' 5CM B 3 -12.70 7.82 -7.55
O5' 5CM B 3 -12.90 7.77 -6.14
P 5CM B 3 -14.01 8.68 -5.42
OP1 5CM B 3 -15.30 8.47 -6.12
OP2 5CM B 3 -13.96 8.44 -3.96
H5A1 5CM B 3 -7.41 9.68 -2.99
H5A2 5CM B 3 -7.02 8.07 -2.38
H5A3 5CM B 3 -8.69 8.47 -2.79
H6 5CM B 3 -9.37 7.52 -4.81
HN41 5CM B 3 -4.19 8.90 -5.06
HN42 5CM B 3 -5.16 9.19 -3.61
H1' 5CM B 3 -8.88 6.50 -8.41
H2' 5CM B 3 -10.09 5.50 -5.81
H2'' 5CM B 3 -9.48 4.59 -7.20
H3' 5CM B 3 -12.17 5.41 -6.79
H4' 5CM B 3 -11.40 7.08 -9.08
H5' 5CM B 3 -12.62 8.86 -7.87
H5'' 5CM B 3 -13.57 7.38 -8.05
N1 5CM B 9 4.44 -3.91 6.88
C2 5CM B 9 3.08 -4.20 6.69
N3 5CM B 9 2.69 -5.15 5.81
C4 5CM B 9 3.63 -5.82 5.17
C5 5CM B 9 5.04 -5.62 5.37
C5A 5CM B 9 6.11 -6.44 4.65
C6 5CM B 9 5.40 -4.66 6.25
O2 5CM B 9 2.19 -3.62 7.32
N4 5CM B 9 3.14 -6.71 4.33
C1' 5CM B 9 4.81 -2.83 7.85
C2' 5CM B 9 5.48 -3.38 9.11
C3' 5CM B 9 6.88 -2.78 9.16
C4' 5CM B 9 6.75 -1.61 8.17
O4' 5CM B 9 5.74 -1.95 7.23
O3' 5CM B 9 7.18 -2.32 10.48
C5' 5CM B 9 8.05 -1.25 7.46
O5' 5CM B 9 8.64 -2.36 6.79
P 5CM B 9 9.81 -2.17 5.69
OP1 5CM B 9 10.81 -1.21 6.25
OP2 5CM B 9 10.28 -3.51 5.27
H5A1 5CM B 9 7.11 -6.14 4.96
H5A2 5CM B 9 5.98 -7.50 4.86
H5A3 5CM B 9 6.02 -6.30 3.57
H6 5CM B 9 6.45 -4.46 6.45
HN41 5CM B 9 2.13 -6.79 4.27
HN42 5CM B 9 3.76 -7.32 3.82
H1' 5CM B 9 3.91 -2.27 8.11
H2' 5CM B 9 5.53 -4.46 9.10
H2'' 5CM B 9 4.91 -3.05 9.98
H3' 5CM B 9 7.62 -3.49 8.80
H4' 5CM B 9 6.41 -0.74 8.73
H5' 5CM B 9 7.85 -0.45 6.73
H5'' 5CM B 9 8.76 -0.86 8.20
P 8OG B 10 7.64 -3.33 11.67
OP1 8OG B 10 7.92 -2.50 12.87
OP2 8OG B 10 8.72 -4.19 11.14
O5' 8OG B 10 6.35 -4.26 11.99
C5' 8OG B 10 5.18 -3.76 12.61
C4' 8OG B 10 3.98 -4.73 12.48
O4' 8OG B 10 3.68 -4.96 11.10
C3' 8OG B 10 4.25 -6.08 13.14
O3' 8OG B 10 3.11 -6.61 13.83
C2' 8OG B 10 4.47 -6.98 11.93
C1' 8OG B 10 3.46 -6.36 10.98
N9 8OG B 10 3.48 -6.91 9.60
C8 8OG B 10 4.53 -7.28 8.77
N7 8OG B 10 4.20 -7.90 7.69
C5 8OG B 10 2.82 -8.06 7.80
C6 8OG B 10 1.88 -8.73 6.95
O6 8OG B 10 2.08 -9.28 5.88
N1 8OG B 10 0.59 -8.71 7.45
C2 8OG B 10 0.24 -8.11 8.62
N2 8OG B 10 -1.01 -8.17 8.98
N3 8OG B 10 1.09 -7.45 9.43
C4 8OG B 10 2.37 -7.46 8.96
O8 8OG B 10 5.72 -7.07 9.01
H5' 8OG B 10 4.89 -2.80 12.17
H5'' 8OG B 10 5.38 -3.59 13.68
H4' 8OG B 10 3.12 -4.26 12.95
H3' 8OG B 10 5.13 -6.07 13.79
H2' 8OG B 10 5.49 -6.88 11.57
H2'' 8OG B 10 4.24 -8.03 12.15
H1' 8OG B 10 2.46 -6.55 11.37
H7 8OG B 10 4.84 -8.26 7.00
H1 8OG B 10 -0.12 -9.18 6.92
H21 8OG B 10 -1.68 -8.70 8.43
H22 8OG B 10 -1.28 -7.74 9.85
N1 5CM A 3 -3.60 -10.97 5.51
C2 5CM A 3 -2.60 -10.30 6.23
N3 5CM A 3 -1.36 -10.13 5.72
C4 5CM A 3 -1.12 -10.57 4.48
C5 5CM A 3 -2.13 -11.21 3.66
C5A 5CM A 3 -1.83 -11.71 2.24
C6 5CM A 3 -3.35 -11.39 4.21
O2 5CM A 3 -2.80 -9.85 7.35
N4 5CM A 3 0.11 -10.40 4.09
C1' 5CM A 3 -4.91 -11.26 6.16
C2' 5CM A 3 -6.14 -10.67 5.46
C3' 5CM A 3 -7.28 -11.60 5.89
C4' 5CM A 3 -6.54 -12.84 6.42
O4' 5CM A 3 -5.15 -12.66 6.17
O3' 5CM A 3 -8.09 -11.05 6.92
C5' 5CM A 3 -7.03 -14.16 5.80
O5' 5CM A 3 -6.96 -14.16 4.38
P 5CM A 3 -7.23 -15.50 3.54
OP1 5CM A 3 -8.52 -16.08 3.98
OP2 5CM A 3 -7.05 -15.19 2.10
H5A1 5CM A 3 -2.71 -12.18 1.81
H5A2 5CM A 3 -1.55 -10.86 1.61
H5A3 5CM A 3 -1.01 -12.41 2.26
H6 5CM A 3 -4.13 -11.89 3.65
HN41 5CM A 3 0.76 -9.98 4.73
HN42 5CM A 3 0.39 -10.72 3.18
H1' 5CM A 3 -4.90 -10.90 7.19
H2' 5CM A 3 -6.03 -10.71 4.38
H2'' 5CM A 3 -6.30 -9.65 5.79
H3' 5CM A 3 -7.90 -11.87 5.04
H4' 5CM A 3 -6.69 -12.89 7.49
H5' 5CM A 3 -6.42 -14.97 6.20
H5'' 5CM A 3 -8.06 -14.33 6.12
N1 5CM A 9 2.38 6.00 -6.16
C2 5CM A 9 1.06 5.53 -6.24
N3 5CM A 9 0.07 6.11 -5.52
C4 5CM A 9 0.38 7.15 -4.77
C5 5CM A 9 1.70 7.74 -4.70
C5A 5CM A 9 2.03 8.97 -3.86
C6 5CM A 9 2.67 7.13 -5.43
O2 5CM A 9 0.73 4.60 -6.98
N4 5CM A 9 -0.65 7.61 -4.08
C1' 5CM A 9 3.43 5.30 -6.94
C2' 5CM A 9 3.94 6.13 -8.12
C3' 5CM A 9 5.43 6.36 -7.89
C4' 5CM A 9 5.74 5.28 -6.84
O4' 5CM A 9 4.55 5.04 -6.11
O3' 5CM A 9 6.17 6.15 -9.08
C5' 5CM A 9 6.89 5.65 -5.88
O5' 5CM A 9 6.68 6.91 -5.23
P 5CM A 9 7.56 7.35 -3.95
OP1 5CM A 9 8.99 7.08 -4.25
OP2 5CM A 9 7.15 8.73 -3.57
H5A1 5CM A 9 1.41 9.80 -4.18
H5A2 5CM A 9 3.08 9.25 -3.98
H5A3 5CM A 9 1.83 8.77 -2.81
H6 5CM A 9 3.67 7.51 -5.43
HN41 5CM A 9 -1.54 7.16 -4.21
HN42 5CM A 9 -0.53 8.43 -3.51
H1' 5CM A 9 3.03 4.34 -7.31
H2' 5CM A 9 3.42 7.08 -8.20
H2'' 5CM A 9 3.81 5.57 -9.04
H3' 5CM A 9 5.60 7.35 -7.46
H4' 5CM A 9 6.01 4.37 -7.37
H5' 5CM A 9 6.97 4.86 -5.13
H5'' 5CM A 9 7.82 5.69 -6.45
P 8OG A 10 6.27 7.27 -10.25
OP1 8OG A 10 7.15 6.74 -11.31
OP2 8OG A 10 6.61 8.57 -9.62
O5' 8OG A 10 4.77 7.40 -10.87
C5' 8OG A 10 4.17 6.36 -11.63
C4' 8OG A 10 2.65 6.56 -11.79
O4' 8OG A 10 2.00 6.58 -10.51
C3' 8OG A 10 2.30 7.88 -12.51
O3' 8OG A 10 1.24 7.74 -13.45
C2' 8OG A 10 1.77 8.73 -11.37
C1' 8OG A 10 1.07 7.65 -10.54
N9 8OG A 10 0.53 8.11 -9.24
C8 8OG A 10 1.07 8.96 -8.29
N7 8OG A 10 0.28 9.29 -7.33
C5 8OG A 10 -0.93 8.70 -7.67
C6 8OG A 10 -2.22 8.76 -7.05
O6 8OG A 10 -2.54 9.33 -6.01
N1 8OG A 10 -3.19 8.07 -7.74
C2 8OG A 10 -2.96 7.39 -8.89
N2 8OG A 10 -3.98 6.77 -9.44
N3 8OG A 10 -1.78 7.29 -9.49
C4 8OG A 10 -0.79 7.97 -8.84
O8 8OG A 10 2.22 9.40 -8.30
H5' 8OG A 10 4.35 5.40 -11.17
H5'' 8OG A 10 4.63 6.34 -12.63
H4' 8OG A 10 2.26 5.72 -12.37
H3' 8OG A 10 3.17 8.35 -12.98
H2' 8OG A 10 2.59 9.18 -10.81
H2'' 8OG A 10 1.08 9.49 -11.71
H1' 8OG A 10 0.22 7.29 -11.12
H7 8OG A 10 0.50 9.92 -6.57
H1 8OG A 10 -4.13 8.07 -7.35
H21 8OG A 10 -4.91 6.84 -9.02
H22 8OG A 10 -3.82 6.28 -10.29
N1 5CM B 3 -8.14 7.45 -6.62
C2 5CM B 3 -6.84 7.48 -7.14
N3 5CM B 3 -5.82 8.01 -6.43
C4 5CM B 3 -6.07 8.45 -5.20
C5 5CM B 3 -7.38 8.40 -4.58
C5A 5CM B 3 -7.64 8.91 -3.17
C6 5CM B 3 -8.39 7.89 -5.33
O2 5CM B 3 -6.56 7.03 -8.25
N4 5CM B 3 -5.03 8.98 -4.60
C1' 5CM B 3 -9.27 7.00 -7.50
C2' 5CM B 3 -10.08 5.81 -6.98
C3' 5CM B 3 -11.44 5.98 -7.64
C4' 5CM B 3 -11.42 7.44 -8.12
O4' 5CM B 3 -10.23 8.04 -7.62
O3' 5CM B 3 -11.65 5.10 -8.75
C5' 5CM B 3 -12.66 8.25 -7.71
O5' 5CM B 3 -12.87 8.23 -6.30
P 5CM B 3 -13.96 9.21 -5.61
OP1 5CM B 3 -15.25 9.04 -6.33
OP2 5CM B 3 -13.93 8.98 -4.14
H5A1 5CM B 3 -7.37 9.96 -3.10
H5A2 5CM B 3 -7.04 8.34 -2.46
H5A3 5CM B 3 -8.70 8.80 -2.90
H6 5CM B 3 -9.38 7.84 -4.92
HN41 5CM B 3 -4.15 9.02 -5.11
HN42 5CM B 3 -5.13 9.37 -3.68
H1' 5CM B 3 -8.89 6.75 -8.49
H2' 5CM B 3 -10.18 5.85 -5.90
H2'' 5CM B 3 -9.58 4.88 -7.27
H3' 5CM B 3 -12.25 5.83 -6.91
H4' 5CM B 3 -11.37 7.44 -9.21
H5' 5CM B 3 -12.52 9.28 -8.05
H5'' 5CM B 3 -13.54 7.84 -8.22
N1 5CM B 9 4.32 -3.98 6.83
C2 5CM B 9 2.96 -4.31 6.65
N3 5CM B 9 2.59 -5.28 5.79
C4 5CM B 9 3.53 -5.93 5.14
C5 5CM B 9 4.95 -5.69 5.32
C5A 5CM B 9 6.03 -6.50 4.61
C6 5CM B 9 5.29 -4.72 6.20
O2 5CM B 9 2.06 -3.76 7.29
N4 5CM B 9 3.07 -6.83 4.31
C1' 5CM B 9 4.66 -2.87 7.75
C2' 5CM B 9 5.35 -3.38 9.03
C3' 5CM B 9 6.73 -2.74 9.07
C4' 5CM B 9 6.57 -1.60 8.05
O4' 5CM B 9 5.57 -1.99 7.12
O3' 5CM B 9 7.03 -2.24 10.37
C5' 5CM B 9 7.86 -1.21 7.31
O5' 5CM B 9 8.47 -2.32 6.66
P 5CM B 9 9.64 -2.12 5.56
OP1 5CM B 9 10.62 -1.14 6.09
OP2 5CM B 9 10.12 -3.46 5.15
H5A1 5CM B 9 7.03 -6.16 4.91
H5A2 5CM B 9 5.93 -7.55 4.83
H5A3 5CM B 9 5.93 -6.36 3.53
H6 5CM B 9 6.33 -4.48 6.39
HN41 5CM B 9 2.06 -6.95 4.26
HN42 5CM B 9 3.69 -7.43 3.80
H1' 5CM B 9 3.74 -2.33 8.03
H2' 5CM B 9 5.44 -4.46 9.04
H2'' 5CM B 9 4.79 -3.05 9.90
H3' 5CM B 9 7.50 -3.44 8.71
H4' 5CM B 9 6.20 -0.72 8.59
H5' 5CM B 9 7.62 -0.44 6.57
H5'' 5CM B 9 8.57 -0.78 8.04
P 8OG B 10 7.52 -3.21 11.57
OP1 8OG B 10 7.78 -2.35 12.75
OP2 8OG B 10 8.63 -4.06 11.05
O5' 8OG B 10 6.27 -4.17 11.92
C5' 8OG B 10 5.08 -3.68 12.54
C4' 8OG B 10 3.93 -4.70 12.43
O4' 8OG B 10 3.61 -4.98 11.06
C3' 8OG B 10 4.24 -6.04 13.12
O3' 8OG B 10 3.13 -6.57 13.84
C2' 8OG B 10 4.47 -6.95 11.92
C1' 8OG B 10 3.42 -6.38 10.96
N9 8OG B 10 3.45 -6.96 9.60
C8 8OG B 10 4.51 -7.31 8.78
N7 8OG B 10 4.20 -7.95 7.71
C5 8OG B 10 2.82 -8.14 7.82
C6 8OG B 10 1.90 -8.85 6.98
O6 8OG B 10 2.12 -9.43 5.91
N1 8OG B 10 0.61 -8.85 7.47
C2 8OG B 10 0.25 -8.24 8.62
N2 8OG B 10 -1.02 -8.31 8.96
N3 8OG B 10 1.07 -7.56 9.43
C4 8OG B 10 2.36 -7.54 8.97
O8 8OG B 10 5.69 -7.06 9.00
H5' 8OG B 10 4.78 -2.75 12.07
H5'' 8OG B 10 5.28 -3.48 13.59
H4' 8OG B 10 3.05 -4.26 12.91
H3' 8OG B 10 5.13 -5.98 13.75
H2' 8OG B 10 5.48 -6.82 11.54
H2'' 8OG B 10 4.27 -7.99 12.17
H1' 8OG B 10 2.44 -6.58 11.38
H7 8OG B 10 4.85 -8.31 7.02
H1 8OG B 10 -0.10 -9.33 6.93
H21 8OG B 10 -1.68 -8.85 8.41
H22 8OG B 10 -1.30 -7.87 9.83
N1 5CM A 3 -3.64 -10.86 5.65
C2 5CM A 3 -2.64 -10.15 6.34
N3 5CM A 3 -1.41 -9.97 5.79
C4 5CM A 3 -1.20 -10.42 4.57
C5 5CM A 3 -2.18 -11.12 3.78
C5A 5CM A 3 -1.92 -11.63 2.38
C6 5CM A 3 -3.40 -11.32 4.37
O2 5CM A 3 -2.82 -9.67 7.46
N4 5CM A 3 0.03 -10.23 4.15
C1' 5CM A 3 -4.94 -11.12 6.33
C2' 5CM A 3 -6.17 -10.57 5.61
C3' 5CM A 3 -7.31 -11.48 6.08
C4' 5CM A 3 -6.56 -12.70 6.64
O4' 5CM A 3 -5.16 -12.51 6.40
O3' 5CM A 3 -8.10 -10.90 7.11
C5' 5CM A 3 -7.03 -14.04 6.04
O5' 5CM A 3 -6.94 -14.05 4.62
P 5CM A 3 -7.25 -15.39 3.79
OP1 5CM A 3 -8.56 -15.93 4.24
OP2 5CM A 3 -7.05 -15.11 2.35
H5A1 5CM A 3 -2.78 -12.18 1.99
H5A2 5CM A 3 -1.70 -10.80 1.72
H5A3 5CM A 3 -1.05 -12.30 2.39
H6 5CM A 3 -4.17 -11.86 3.85
HN41 5CM A 3 0.69 -9.78 4.78
HN42 5CM A 3 0.30 -10.58 3.25
H1' 5CM A 3 -4.93 -10.71 7.34
H2' 5CM A 3 -6.07 -10.64 4.53
H2'' 5CM A 3 -6.33 -9.53 5.89
H3' 5CM A 3 -7.94 -11.77 5.24
H4' 5CM A 3 -6.72 -12.74 7.71
H5' 5CM A 3 -6.41 -14.84 6.46
H5'' 5CM A 3 -8.06 -14.21 6.34
N1 5CM A 9 2.49 6.09 -6.43
C2 5CM A 9 1.20 5.57 -6.48
N3 5CM A 9 0.21 6.08 -5.73
C4 5CM A 9 0.48 7.11 -4.95
C5 5CM A 9 1.78 7.75 -4.90
C5A 5CM A 9 2.07 8.98 -4.04
C6 5CM A 9 2.76 7.22 -5.67
O2 5CM A 9 0.89 4.64 -7.23
N4 5CM A 9 -0.55 7.51 -4.24
C1' 5CM A 9 3.56 5.47 -7.26
C2' 5CM A 9 4.02 6.38 -8.40
C3' 5CM A 9 5.51 6.64 -8.18
C4' 5CM A 9 5.87 5.53 -7.18
O4' 5CM A 9 4.69 5.21 -6.46
O3' 5CM A 9 6.23 6.49 -9.40
C5' 5CM A 9 7.00 5.91 -6.21
O5' 5CM A 9 6.73 7.12 -5.50
P 5CM A 9 7.60 7.55 -4.20
OP1 5CM A 9 9.04 7.35 -4.51
OP2 5CM A 9 7.16 8.91 -3.77
H5A1 5CM A 9 1.90 8.75 -2.99
H5A2 5CM A 9 1.39 9.79 -4.32
H5A3 5CM A 9 3.10 9.31 -4.18
H6 5CM A 9 3.75 7.64 -5.68
HN41 5CM A 9 -1.42 7.01 -4.36
HN42 5CM A 9 -0.47 8.33 -3.66
H1' 5CM A 9 3.18 4.52 -7.68
H2' 5CM A 9 3.47 7.32 -8.43
H2'' 5CM A 9 3.88 5.87 -9.35
H3' 5CM A 9 5.66 7.62 -7.72
H4' 5CM A 9 6.18 4.66 -7.74
H5' 5CM A 9 7.13 5.10 -5.50
H5'' 5CM A 9 7.93 6.02 -6.78
P 8OG A 10 6.26 7.66 -10.53
OP1 8OG A 10 7.15 7.18 -11.63
OP2 8OG A 10 6.61 8.94 -9.86
O5' 8OG A 10 4.76 7.78 -11.09
C5' 8OG A 10 4.17 6.77 -11.91
C4' 8OG A 10 2.64 6.94 -12.03
O4' 8OG A 10 2.01 6.87 -10.74
C3' 8OG A 10 2.24 8.28 -12.66
O3' 8OG A 10 1.15 8.16 -13.57
C2' 8OG A 10 1.72 9.05 -11.46
C1' 8OG A 10 1.05 7.91 -10.70
N9 8OG A 10 0.54 8.29 -9.35
C8 8OG A 10 1.06 9.11 -8.38
N7 8OG A 10 0.28 9.37 -7.38
C5 8OG A 10 -0.92 8.74 -7.73
C6 8OG A 10 -2.19 8.72 -7.07
O6 8OG A 10 -2.51 9.23 -6.00
N1 8OG A 10 -3.15 8.01 -7.77
C2 8OG A 10 -2.92 7.39 -8.96
N2 8OG A 10 -3.92 6.76 -9.51
N3 8OG A 10 -1.74 7.38 -9.59
C4 8OG A 10 -0.77 8.08 -8.93
O8 8OG A 10 2.19 9.60 -8.38
H5' 8OG A 10 4.38 5.78 -11.49
H5'' 8OG A 10 4.60 6.80 -12.91
H4' 8OG A 10 2.25 6.12 -12.65
H3' 8OG A 10 3.08 8.79 -13.13
H2' 8OG A 10 2.55 9.47 -10.90
H2'' 8OG A 10 1.01 9.83 -11.75
H1' 8OG A 10 0.20 7.57 -11.27
H7 8OG A 10 0.48 9.98 -6.61
H1 8OG A 10 -4.07 7.95 -7.37
H21 8OG A 10 -4.84 6.78 -9.08
H22 8OG A 10 -3.76 6.31 -10.40
N1 5CM B 3 -8.02 7.07 -6.53
C2 5CM B 3 -6.73 7.21 -7.10
N3 5CM B 3 -5.72 7.75 -6.39
C4 5CM B 3 -5.94 8.08 -5.13
C5 5CM B 3 -7.21 7.88 -4.46
C5A 5CM B 3 -7.45 8.26 -3.00
C6 5CM B 3 -8.22 7.37 -5.21
O2 5CM B 3 -6.48 6.87 -8.26
N4 5CM B 3 -4.91 8.63 -4.53
C1' 5CM B 3 -9.15 6.63 -7.42
C2' 5CM B 3 -9.87 5.36 -6.97
C3' 5CM B 3 -11.27 5.52 -7.57
C4' 5CM B 3 -11.34 7.01 -7.93
O4' 5CM B 3 -10.16 7.62 -7.43
O3' 5CM B 3 -11.46 4.72 -8.74
C5' 5CM B 3 -12.59 7.73 -7.40
O5' 5CM B 3 -12.75 7.59 -6.00
P 5CM B 3 -13.83 8.46 -5.19
OP1 5CM B 3 -15.15 8.31 -5.87
OP2 5CM B 3 -13.74 8.12 -3.75
H5A1 5CM B 3 -6.79 7.67 -2.36
H5A2 5CM B 3 -8.48 8.06 -2.71
H5A3 5CM B 3 -7.23 9.32 -2.85
H6 5CM B 3 -9.20 7.23 -4.77
HN41 5CM B 3 -4.07 8.76 -5.06
HN42 5CM B 3 -5.00 8.93 -3.57
H1' 5CM B 3 -8.79 6.48 -8.44
H2' 5CM B 3 -9.94 5.30 -5.89
H2'' 5CM B 3 -9.35 4.49 -7.36
H3' 5CM B 3 -12.04 5.26 -6.83
H4' 5CM B 3 -11.33 7.10 -9.02
H5' 5CM B 3 -12.52 8.78 -7.67
H5'' 5CM B 3 -13.47 7.31 -7.91
N1 5CM B 9 4.29 -3.79 6.87
C2 5CM B 9 2.94 -4.11 6.68
N3 5CM B 9 2.57 -5.08 5.82
C4 5CM B 9 3.51 -5.75 5.18
C5 5CM B 9 4.93 -5.53 5.38
C5A 5CM B 9 6.01 -6.33 4.68
C6 5CM B 9 5.27 -4.53 6.25
O2 5CM B 9 2.04 -3.54 7.29
N4 5CM B 9 3.05 -6.66 4.36
C1' 5CM B 9 4.64 -2.68 7.79
C2' 5CM B 9 5.33 -3.18 9.06
C3' 5CM B 9 6.71 -2.55 9.11
C4' 5CM B 9 6.56 -1.42 8.09
O4' 5CM B 9 5.55 -1.80 7.15
O3' 5CM B 9 6.99 -2.05 10.41
C5' 5CM B 9 7.86 -1.04 7.36
O5' 5CM B 9 8.47 -2.16 6.72
P 5CM B 9 9.63 -1.99 5.63
OP1 5CM B 9 10.62 -1.00 6.15
OP2 5CM B 9 10.13 -3.33 5.25
H5A1 5CM B 9 5.92 -6.21 3.60
H5A2 5CM B 9 7.00 -6.01 4.99
H5A3 5CM B 9 5.89 -7.39 4.92
H6 5CM B 9 6.31 -4.30 6.44
HN41 5CM B 9 2.04 -6.77 4.31
HN42 5CM B 9 3.68 -7.27 3.86
H1' 5CM B 9 3.73 -2.13 8.05
H2' 5CM B 9 5.39 -4.27 9.09
H2'' 5CM B 9 4.75 -2.85 9.93
H3' 5CM B 9 7.46 -3.26 8.77
H4' 5CM B 9 6.20 -0.53 8.62
H5' 5CM B 9 7.63 -0.28 6.62
H5'' 5CM B 9 8.55 -0.62 8.08
P 8OG B 10 7.48 -3.02 11.62
OP1 8OG B 10 7.73 -2.16 12.80
OP2 8OG B 10 8.58 -3.87 11.12
O5' 8OG B 10 6.22 -3.97 11.96
C5' 8OG B 10 5.04 -3.48 12.58
C4' 8OG B 10 3.87 -4.48 12.47
O4' 8OG B 10 3.55 -4.76 11.10
C3' 8OG B 10 4.16 -5.82 13.16
O3' 8OG B 10 3.05 -6.35 13.87
C2' 8OG B 10 4.40 -6.74 11.97
C1' 8OG B 10 3.37 -6.16 11.00
N9 8OG B 10 3.40 -6.75 9.63
C8 8OG B 10 4.45 -7.11 8.83
N7 8OG B 10 4.13 -7.75 7.75
C5 8OG B 10 2.76 -7.93 7.86
C6 8OG B 10 1.83 -8.64 7.02
O6 8OG B 10 2.05 -9.22 5.96
N1 8OG B 10 0.55 -8.64 7.52
C2 8OG B 10 0.18 -8.01 8.67
N2 8OG B 10 -1.06 -8.08 9.02
N3 8OG B 10 1.01 -7.33 9.47
C4 8OG B 10 2.30 -7.32 9.01
O8 8OG B 10 5.64 -6.86 9.05
H5' 8OG B 10 4.73 -2.54 12.12
H5'' 8OG B 10 5.23 -3.28 13.64
H4' 8OG B 10 2.99 -4.03 12.94
H3' 8OG B 10 5.05 -5.77 13.81
H2' 8OG B 10 5.41 -6.62 11.59
H2'' 8OG B 10 4.20 -7.78 12.22
H1' 8OG B 10 2.38 -6.36 11.40
H7 8OG B 10 4.79 -8.12 7.07
H1 8OG B 10 -0.16 -9.12 6.99
H21 8OG B 10 -1.73 -8.63 8.49
H22 8OG B 10 -1.35 -7.63 9.89
N1 5CM A 3 -3.74 -10.81 5.58
C2 5CM A 3 -2.71 -10.20 6.32
N3 5CM A 3 -1.46 -10.05 5.80
C4 5CM A 3 -1.25 -10.45 4.57
C5 5CM A 3 -2.27 -11.02 3.72
C5A 5CM A 3 -2.01 -11.47 2.29
C6 5CM A 3 -3.50 -11.18 4.27
O2 5CM A 3 -2.88 -9.76 7.46
N4 5CM A 3 -0.01 -10.31 4.17
C1' 5CM A 3 -5.04 -11.10 6.24
C2' 5CM A 3 -6.26 -10.45 5.59
C3' 5CM A 3 -7.42 -11.38 5.99
C4' 5CM A 3 -6.70 -12.65 6.47
O4' 5CM A 3 -5.32 -12.49 6.19
O3' 5CM A 3 -8.21 -10.85 7.04
C5' 5CM A 3 -7.23 -13.95 5.83
O5' 5CM A 3 -7.19 -13.91 4.41
P 5CM A 3 -7.47 -15.22 3.53
OP1 5CM A 3 -8.74 -15.83 3.98
OP2 5CM A 3 -7.33 -14.87 2.09
H5A1 5CM A 3 -1.21 -12.22 2.27
H5A2 5CM A 3 -2.91 -11.90 1.83
H5A3 5CM A 3 -1.69 -10.61 1.69
H6 5CM A 3 -4.30 -11.63 3.69
HN41 5CM A 3 0.66 -9.93 4.82
HN42 5CM A 3 0.26 -10.61 3.25
H1' 5CM A 3 -5.01 -10.78 7.29
H2' 5CM A 3 -6.17 -10.44 4.50
H2'' 5CM A 3 -6.40 -9.45 5.97
H3' 5CM A 3 -8.05 -11.61 5.13
H4' 5CM A 3 -6.83 -12.73 7.54
H5' 5CM A 3 -6.62 -14.78 6.19
H5'' 5CM A 3 -8.25 -14.10 6.16
N1 5CM A 9 2.44 5.98 -6.35
C2 5CM A 9 1.13 5.47 -6.41
N3 5CM A 9 0.14 6.02 -5.66
C4 5CM A 9 0.44 7.05 -4.89
C5 5CM A 9 1.75 7.66 -4.83
C5A 5CM A 9 2.06 8.88 -3.98
C6 5CM A 9 2.73 7.09 -5.60
O2 5CM A 9 0.82 4.55 -7.16
N4 5CM A 9 -0.57 7.48 -4.20
C1' 5CM A 9 3.50 5.32 -7.18
C2' 5CM A 9 3.98 6.22 -8.32
C3' 5CM A 9 5.48 6.44 -8.09
C4' 5CM A 9 5.81 5.34 -7.08
O4' 5CM A 9 4.62 5.04 -6.36
O3' 5CM A 9 6.20 6.29 -9.31
C5' 5CM A 9 6.95 5.70 -6.12
O5' 5CM A 9 6.73 6.92 -5.43
P 5CM A 9 7.61 7.34 -4.14
OP1 5CM A 9 9.05 7.09 -4.46
OP2 5CM A 9 7.20 8.70 -3.72
H5A1 5CM A 9 3.11 9.19 -4.11
H5A2 5CM A 9 1.42 9.71 -4.27
H5A3 5CM A 9 1.89 8.65 -2.92
H6 5CM A 9 3.73 7.49 -5.60
HN41 5CM A 9 -1.47 7.01 -4.33
HN42 5CM A 9 -0.48 8.29 -3.62
H1' 5CM A 9 3.10 4.38 -7.58
H2' 5CM A 9 3.45 7.16 -8.36
H2'' 5CM A 9 3.84 5.69 -9.26
H3' 5CM A 9 5.64 7.43 -7.64
H4' 5CM A 9 6.09 4.45 -7.64
H5' 5CM A 9 7.07 4.88 -5.41
H5'' 5CM A 9 7.89 5.77 -6.70
P 8OG A 10 6.27 7.45 -10.44
OP1 8OG A 10 7.15 6.95 -11.53
OP2 8OG A 10 6.62 8.72 -9.77
O5' 8OG A 10 4.76 7.58 -11.03
C5' 8OG A 10 4.17 6.57 -11.83
C4' 8OG A 10 2.64 6.77 -11.96
O4' 8OG A 10 2.00 6.72 -10.68
C3' 8OG A 10 2.27 8.11 -12.61
O3' 8OG A 10 1.20 8.01 -13.53
C2' 8OG A 10 1.76 8.90 -11.42
C1' 8OG A 10 1.06 7.77 -10.65
N9 8OG A 10 0.54 8.17 -9.31
C8 8OG A 10 1.07 8.99 -8.34
N7 8OG A 10 0.28 9.28 -7.36
C5 8OG A 10 -0.92 8.67 -7.72
C6 8OG A 10 -2.22 8.68 -7.07
O6 8OG A 10 -2.54 9.21 -6.02
N1 8OG A 10 -3.17 7.99 -7.78
C2 8OG A 10 -2.94 7.36 -8.96
N2 8OG A 10 -3.94 6.73 -9.52
N3 8OG A 10 -1.75 7.31 -9.58
C4 8OG A 10 -0.77 7.99 -8.91
O8 8OG A 10 2.20 9.46 -8.33
H5' 8OG A 10 4.35 5.59 -11.40
H5'' 8OG A 10 4.61 6.59 -12.83
H4' 8OG A 10 2.24 5.96 -12.58
H3' 8OG A 10 3.14 8.60 -13.06
H2' 8OG A 10 2.59 9.31 -10.85
H2'' 8OG A 10 1.06 9.68 -11.72
H1' 8OG A 10 0.22 7.45 -11.23
H7 8OG A 10 0.48 9.88 -6.59
H1 8OG A 10 -4.10 7.95 -7.39
H21 8OG A 10 -4.87 6.78 -9.11
H22 8OG A 10 -3.79 6.27 -10.40
N1 5CM B 3 -8.09 7.21 -6.64
C2 5CM B 3 -6.79 7.30 -7.18
N3 5CM B 3 -5.79 7.83 -6.46
C4 5CM B 3 -6.03 8.19 -5.21
C5 5CM B 3 -7.32 8.06 -4.57
C5A 5CM B 3 -7.58 8.48 -3.13
C6 5CM B 3 -8.33 7.56 -5.33
O2 5CM B 3 -6.52 6.92 -8.32
N4 5CM B 3 -5.00 8.73 -4.60
C1' 5CM B 3 -9.22 6.77 -7.53
C2' 5CM B 3 -9.97 5.53 -7.07
C3' 5CM B 3 -11.36 5.69 -7.70
C4' 5CM B 3 -11.39 7.16 -8.10
O4' 5CM B 3 -10.21 7.78 -7.59
O3' 5CM B 3 -11.54 4.86 -8.85
C5' 5CM B 3 -12.65 7.92 -7.64
O5' 5CM B 3 -12.84 7.82 -6.23
P 5CM B 3 -13.94 8.72 -5.47
OP1 5CM B 3 -15.24 8.57 -6.18
OP2 5CM B 3 -13.88 8.41 -4.02
H5A1 5CM B 3 -7.33 9.54 -3.01
H5A2 5CM B 3 -6.95 7.90 -2.46
H5A3 5CM B 3 -8.63 8.33 -2.85
H6 5CM B 3 -9.32 7.46 -4.92
HN41 5CM B 3 -4.13 8.82 -5.12
HN42 5CM B 3 -5.10 9.06 -3.65
H1' 5CM B 3 -8.84 6.58 -8.55
H2' 5CM B 3 -10.07 5.50 -5.98
H2'' 5CM B 3 -9.46 4.64 -7.43
H3' 5CM B 3 -12.15 5.48 -6.97
H4' 5CM B 3 -11.35 7.23 -9.20
H5' 5CM B 3 -12.54 8.97 -7.92
H5'' 5CM B 3 -13.51 7.51 -8.16
N1 5CM B 9 4.25 -3.97 6.92
C2 5CM B 9 2.89 -4.27 6.75
N3 5CM B 9 2.50 -5.24 5.88
C4 5CM B 9 3.44 -5.91 5.24
C5 5CM B 9 4.85 -5.69 5.43
C5A 5CM B 9 5.93 -6.51 4.71
C6 5CM B 9 5.22 -4.72 6.29
O2 5CM B 9 2.00 -3.70 7.37
N4 5CM B 9 2.95 -6.81 4.42
C1' 5CM B 9 4.62 -2.86 7.85
C2' 5CM B 9 5.31 -3.38 9.12
C3' 5CM B 9 6.70 -2.75 9.14
C4' 5CM B 9 6.54 -1.61 8.14
O4' 5CM B 9 5.52 -1.98 7.21
O3' 5CM B 9 7.00 -2.27 10.45
C5' 5CM B 9 7.83 -1.24 7.40
O5' 5CM B 9 8.42 -2.35 6.74
P 5CM B 9 9.59 -2.17 5.63
OP1 5CM B 9 10.57 -1.19 6.15
OP2 5CM B 9 10.07 -3.52 5.24
H5A1 5CM B 9 6.93 -6.20 5.01
H5A2 5CM B 9 5.83 -6.38 3.63
H5A3 5CM B 9 5.81 -7.57 4.94
H6 5CM B 9 6.26 -4.50 6.48
HN41 5CM B 9 1.95 -6.91 4.36
HN42 5CM B 9 3.57 -7.42 3.91
H1' 5CM B 9 3.71 -2.32 8.13
H2' 5CM B 9 5.39 -4.47 9.13
H2'' 5CM B 9 4.75 -3.06 9.99
H3' 5CM B 9 7.45 -3.46 8.79
H4' 5CM B 9 6.19 -0.72 8.68
H5' 5CM B 9 7.59 -0.47 6.66
H5'' 5CM B 9 8.54 -0.82 8.10
P 8OG B 10 7.51 -3.23 11.65
OP1 8OG B 10 7.77 -2.38 12.83
OP2 8OG B 10 8.60 -4.09 11.13
O5' 8OG B 10 6.25 -4.20 11.99
C5' 8OG B 10 5.07 -3.71 12.63
C4' 8OG B 10 3.90 -4.71 12.52
O4' 8OG B 10 3.57 -4.98 11.15
C3' 8OG B 10 4.21 -6.06 13.20
O3' 8OG B 10 3.10 -6.59 13.92
C2' 8OG B 10 4.43 -6.97 11.99
C1' 8OG B 10 3.38 -6.38 11.05
N9 8OG B 10 3.41 -6.96 9.67
C8 8OG B 10 4.45 -7.31 8.85
N7 8OG B 10 4.13 -7.96 7.78
C5 8OG B 10 2.75 -8.13 7.89
C6 8OG B 10 1.82 -8.82 7.06
O6 8OG B 10 2.03 -9.41 6.00
N1 8OG B 10 0.53 -8.80 7.55
C2 8OG B 10 0.17 -8.17 8.70
N2 8OG B 10 -1.09 -8.23 9.05
N3 8OG B 10 1.01 -7.51 9.50
C4 8OG B 10 2.30 -7.51 9.05
O8 8OG B 10 5.64 -7.08 9.07
H5' 8OG B 10 4.75 -2.77 12.16
H5'' 8OG B 10 5.28 -3.52 13.68
H4' 8OG B 10 3.03 -4.27 13.01
H3' 8OG B 10 5.11 -6.01 13.83
H2' 8OG B 10 5.44 -6.85 11.61
H2'' 8OG B 10 4.22 -8.01 12.24
H1' 8OG B 10 2.40 -6.58 11.46
H7 8OG B 10 4.77 -8.33 7.10
H1 8OG B 10 -0.18 -9.27 7.01
H21 8OG B 10 -1.76 -8.76 8.49
H22 8OG B 10 -1.36 -7.79 9.91
N1 5CM A 3 -3.74 -10.85 5.49
C2 5CM A 3 -2.73 -10.23 6.24
N3 5CM A 3 -1.48 -10.07 5.74
C4 5CM A 3 -1.25 -10.48 4.50
C5 5CM A 3 -2.26 -11.07 3.65
C5A 5CM A 3 -1.98 -11.52 2.22
C6 5CM A 3 -3.49 -11.24 4.19
O2 5CM A 3 -2.91 -9.79 7.38
N4 5CM A 3 -0.01 -10.33 4.11
C1' 5CM A 3 -5.05 -11.15 6.15
C2' 5CM A 3 -6.27 -10.52 5.48
C3' 5CM A 3 -7.42 -11.46 5.89
C4' 5CM A 3 -6.69 -12.71 6.39
O4' 5CM A 3 -5.31 -12.53 6.13
O3' 5CM A 3 -8.23 -10.92 6.93
C5' 5CM A 3 -7.21 -14.02 5.78
O5' 5CM A 3 -7.18 -14.00 4.36
P 5CM A 3 -7.44 -15.35 3.50
OP1 5CM A 3 -8.70 -15.96 3.98
OP2 5CM A 3 -7.31 -15.01 2.06
H5A1 5CM A 3 -2.88 -11.97 1.77
H5A2 5CM A 3 -1.67 -10.67 1.62
H5A3 5CM A 3 -1.19 -12.26 2.22
H6 5CM A 3 -4.28 -11.69 3.61
HN41 5CM A 3 0.65 -9.93 4.76
HN42 5CM A 3 0.26 -10.63 3.19
H1' 5CM A 3 -5.03 -10.81 7.19
H2' 5CM A 3 -6.17 -10.53 4.39
H2'' 5CM A 3 -6.42 -9.51 5.84
H3' 5CM A 3 -8.05 -11.70 5.02
H4' 5CM A 3 -6.83 -12.78 7.47
H5' 5CM A 3 -6.60 -14.84 6.15
H5'' 5CM A 3 -8.24 -14.18 6.11
N1 5CM A 9 2.44 6.04 -6.23
C2 5CM A 9 1.13 5.55 -6.30
N3 5CM A 9 0.14 6.11 -5.56
C4 5CM A 9 0.44 7.15 -4.80
C5 5CM A 9 1.76 7.75 -4.74
C5A 5CM A 9 2.06 8.98 -3.90
C6 5CM A 9 2.72 7.17 -5.49
O2 5CM A 9 0.81 4.62 -7.04
N4 5CM A 9 -0.58 7.59 -4.11
C1' 5CM A 9 3.50 5.36 -7.03
C2' 5CM A 9 3.97 6.22 -8.20
C3' 5CM A 9 5.46 6.48 -7.98
C4' 5CM A 9 5.81 5.40 -6.95
O4' 5CM A 9 4.63 5.12 -6.21
O3' 5CM A 9 6.19 6.30 -9.19
C5' 5CM A 9 6.95 5.78 -6.00
O5' 5CM A 9 6.73 7.01 -5.32
P 5CM A 9 7.61 7.44 -4.04
OP1 5CM A 9 9.04 7.21 -4.36
OP2 5CM A 9 7.18 8.81 -3.63
H5A1 5CM A 9 1.88 8.77 -2.84
H5A2 5CM A 9 3.11 9.27 -4.02
H5A3 5CM A 9 1.43 9.81 -4.20
H6 5CM A 9 3.73 7.56 -5.49
HN41 5CM A 9 -1.48 7.12 -4.23
HN42 5CM A 9 -0.49 8.41 -3.53
H1' 5CM A 9 3.11 4.42 -7.41
H2' 5CM A 9 3.44 7.16 -8.27
H2'' 5CM A 9 3.84 5.67 -9.13
H3' 5CM A 9 5.63 7.47 -7.55
H4' 5CM A 9 6.09 4.50 -7.49
H5' 5CM A 9 7.07 4.97 -5.27
H5'' 5CM A 9 7.88 5.85 -6.57
P 8OG A 10 6.24 7.44 -10.35
OP1 8OG A 10 7.13 6.92 -11.43
OP2 8OG A 10 6.58 8.73 -9.71
O5' 8OG A 10 4.74 7.53 -10.94
C5' 8OG A 10 4.16 6.49 -11.72
C4' 8OG A 10 2.63 6.66 -11.85
O4' 8OG A 10 1.99 6.66 -10.57
C3' 8OG A 10 2.24 7.97 -12.56
O3' 8OG A 10 1.15 7.80 -13.47
C2' 8OG A 10 1.71 8.80 -11.40
C1' 8OG A 10 1.04 7.70 -10.58
N9 8OG A 10 0.52 8.16 -9.26
C8 8OG A 10 1.06 8.99 -8.31
N7 8OG A 10 0.27 9.31 -7.34
C5 8OG A 10 -0.94 8.71 -7.67
C6 8OG A 10 -2.22 8.74 -7.02
O6 8OG A 10 -2.53 9.29 -5.98
N1 8OG A 10 -3.19 8.04 -7.71
C2 8OG A 10 -2.96 7.38 -8.88
N2 8OG A 10 -3.98 6.75 -9.41
N3 8OG A 10 -1.78 7.30 -9.50
C4 8OG A 10 -0.79 7.99 -8.84
O8 8OG A 10 2.19 9.45 -8.34
H5' 8OG A 10 4.36 5.53 -11.26
H5'' 8OG A 10 4.60 6.49 -12.72
H4' 8OG A 10 2.24 5.82 -12.43
H3' 8OG A 10 3.09 8.45 -13.04
H2' 8OG A 10 2.53 9.27 -10.86
H2'' 8OG A 10 0.99 9.55 -11.74
H1' 8OG A 10 0.19 7.33 -11.14
H7 8OG A 10 0.49 9.94 -6.58
H1 8OG A 10 -4.12 8.03 -7.31
H21 8OG A 10 -4.90 6.80 -8.99
H22 8OG A 10 -3.83 6.26 -10.28
N1 5CM B 3 -8.11 7.31 -6.52
C2 5CM B 3 -6.81 7.38 -7.07
N3 5CM B 3 -5.79 7.92 -6.36
C4 5CM B 3 -6.03 8.33 -5.13
C5 5CM B 3 -7.32 8.23 -4.49
C5A 5CM B 3 -7.58 8.70 -3.06
C6 5CM B 3 -8.33 7.70 -5.22
O2 5CM B 3 -6.54 6.95 -8.19
N4 5CM B 3 -4.99 8.87 -4.54
C1' 5CM B 3 -9.24 6.86 -7.39
C2' 5CM B 3 -10.01 5.64 -6.90
C3' 5CM B 3 -11.40 5.80 -7.53
C4' 5CM B 3 -11.41 7.27 -7.96
O4' 5CM B 3 -10.22 7.87 -7.48
O3' 5CM B 3 -11.60 4.96 -8.66
C5' 5CM B 3 -12.65 8.05 -7.49
O5' 5CM B 3 -12.83 8.00 -6.08
P 5CM B 3 -13.90 8.93 -5.33
OP1 5CM B 3 -15.21 8.76 -6.01
OP2 5CM B 3 -13.82 8.67 -3.87
H5A1 5CM B 3 -8.62 8.56 -2.78
H5A2 5CM B 3 -7.33 9.76 -2.97
H5A3 5CM B 3 -6.94 8.14 -2.37
H6 5CM B 3 -9.32 7.63 -4.80
HN41 5CM B 3 -4.12 8.94 -5.06
HN42 5CM B 3 -5.08 9.23 -3.61
H1' 5CM B 3 -8.87 6.64 -8.40
H2' 5CM B 3 -10.10 5.64 -5.81
H2'' 5CM B 3 -9.50 4.73 -7.22
H3' 5CM B 3 -12.18 5.62 -6.79
H4' 5CM B 3 -11.39 7.30 -9.05
H5' 5CM B 3 -12.54 9.09 -7.81
H5'' 5CM B 3 -13.53 7.63 -7.99
N1 5CM B 9 4.22 -3.99 6.89
C2 5CM B 9 2.87 -4.30 6.71
N3 5CM B 9 2.50 -5.27 5.84
C4 5CM B 9 3.44 -5.92 5.18
C5 5CM B 9 4.86 -5.71 5.39
C5A 5CM B 9 5.93 -6.51 4.67
C6 5CM B 9 5.20 -4.72 6.25
O2 5CM B 9 1.98 -3.74 7.33
N4 5CM B 9 2.96 -6.82 4.35
C1' 5CM B 9 4.58 -2.88 7.82
C2' 5CM B 9 5.27 -3.40 9.09
C3' 5CM B 9 6.66 -2.75 9.13
C4' 5CM B 9 6.50 -1.61 8.11
O4' 5CM B 9 5.49 -2.00 7.18
O3' 5CM B 9 6.95 -2.27 10.43
C5' 5CM B 9 7.79 -1.23 7.38
O5' 5CM B 9 8.40 -2.35 6.75
P 5CM B 9 9.58 -2.16 5.65
OP1 5CM B 9 10.55 -1.18 6.18
OP2 5CM B 9 10.06 -3.50 5.26
H5A1 5CM B 9 5.84 -6.38 3.59
H5A2 5CM B 9 5.81 -7.57 4.90
H5A3 5CM B 9 6.93 -6.19 4.99
H6 5CM B 9 6.24 -4.50 6.45
HN41 5CM B 9 1.95 -6.93 4.31
HN42 5CM B 9 3.58 -7.42 3.85
H1' 5CM B 9 3.67 -2.34 8.10
H2' 5CM B 9 5.35 -4.48 9.10
H2'' 5CM B 9 4.71 -3.07 9.96
H3' 5CM B 9 7.41 -3.46 8.77
H4' 5CM B 9 6.14 -0.74 8.65
H5' 5CM B 9 7.56 -0.47 6.63
H5'' 5CM B 9 8.49 -0.80 8.10
P 8OG B 10 7.45 -3.24 11.63
OP1 8OG B 10 7.71 -2.38 12.81
OP2 8OG B 10 8.56 -4.07 11.11
O5' 8OG B 10 6.20 -4.20 11.97
C5' 8OG B 10 5.00 -3.72 12.60
C4' 8OG B 10 3.85 -4.72 12.49
O4' 8OG B 10 3.53 -5.00 11.11
C3' 8OG B 10 4.17 -6.07 13.16
O3' 8OG B 10 3.08 -6.61 13.89
C2' 8OG B 10 4.39 -6.98 11.95
C1' 8OG B 10 3.35 -6.40 11.01
N9 8OG B 10 3.36 -6.97 9.63
C8 8OG B 10 4.42 -7.32 8.81
N7 8OG B 10 4.10 -7.96 7.73
C5 8OG B 10 2.72 -8.14 7.85
C6 8OG B 10 1.79 -8.84 7.00
O6 8OG B 10 2.01 -9.41 5.95
N1 8OG B 10 0.50 -8.82 7.49
C2 8OG B 10 0.14 -8.21 8.65
N2 8OG B 10 -1.11 -8.28 8.99
N3 8OG B 10 0.97 -7.54 9.46
C4 8OG B 10 2.26 -7.53 9.01
O8 8OG B 10 5.60 -7.08 9.03
H5' 8OG B 10 4.70 -2.78 12.14
H5'' 8OG B 10 5.21 -3.52 13.65
H4' 8OG B 10 2.97 -4.29 12.97
H3' 8OG B 10 5.07 -6.02 13.78
H2' 8OG B 10 5.40 -6.86 11.56
H2'' 8OG B 10 4.20 -8.02 12.19
H1' 8OG B 10 2.36 -6.61 11.42
H7 8OG B 10 4.74 -8.32 7.04
H1 8OG B 10 -0.20 -9.30 6.96
H21 8OG B 10 -1.78 -8.80 8.43
H22 8OG B 10 -1.39 -7.84 9.86
N1 5CM A 3 -3.70 -10.96 5.57
C2 5CM A 3 -2.69 -10.32 6.30
N3 5CM A 3 -1.44 -10.19 5.79
C4 5CM A 3 -1.22 -10.60 4.55
C5 5CM A 3 -2.24 -11.21 3.73
C5A 5CM A 3 -1.96 -11.70 2.30
C6 5CM A 3 -3.46 -11.35 4.27
O2 5CM A 3 -2.86 -9.87 7.43
N4 5CM A 3 0.02 -10.48 4.16
C1' 5CM A 3 -5.01 -11.23 6.23
C2' 5CM A 3 -6.23 -10.60 5.55
C3' 5CM A 3 -7.39 -11.52 5.99
C4' 5CM A 3 -6.67 -12.78 6.49
O4' 5CM A 3 -5.28 -12.61 6.23
O3' 5CM A 3 -8.19 -10.97 7.03
C5' 5CM A 3 -7.19 -14.09 5.90
O5' 5CM A 3 -7.14 -14.09 4.47
P 5CM A 3 -7.42 -15.44 3.64
OP1 5CM A 3 -8.69 -16.03 4.10
OP2 5CM A 3 -7.26 -15.13 2.19
H5A1 5CM A 3 -2.85 -12.15 1.86
H5A2 5CM A 3 -1.64 -10.85 1.68
H5A3 5CM A 3 -1.16 -12.43 2.31
H6 5CM A 3 -4.26 -11.83 3.70
HN41 5CM A 3 0.70 -10.08 4.80
HN42 5CM A 3 0.29 -10.79 3.25
H1' 5CM A 3 -4.98 -10.87 7.27
H2' 5CM A 3 -6.14 -10.63 4.47
H2'' 5CM A 3 -6.37 -9.58 5.90
H3' 5CM A 3 -8.02 -11.78 5.12
H4' 5CM A 3 -6.80 -12.83 7.57
H5' 5CM A 3 -6.58 -14.91 6.29
H5'' 5CM A 3 -8.22 -14.24 6.23
N1 5CM A 9 2.53 5.94 -6.28
C2 5CM A 9 1.22 5.44 -6.33
N3 5CM A 9 0.24 5.99 -5.57
C4 5CM A 9 0.55 7.02 -4.80
C5 5CM A 9 1.86 7.63 -4.76
C5A 5CM A 9 2.19 8.85 -3.91
C6 5CM A 9 2.82 7.06 -5.53
O2 5CM A 9 0.90 4.51 -7.07
N4 5CM A 9 -0.47 7.45 -4.09
C1' 5CM A 9 3.57 5.27 -7.11
C2' 5CM A 9 4.07 6.17 -8.26
C3' 5CM A 9 5.56 6.39 -8.04
C4' 5CM A 9 5.89 5.28 -7.03
O4' 5CM A 9 4.70 4.99 -6.30
O3' 5CM A 9 6.28 6.22 -9.25
C5' 5CM A 9 7.04 5.62 -6.07
O5' 5CM A 9 6.82 6.84 -5.37
P 5CM A 9 7.70 7.26 -4.08
OP1 5CM A 9 9.12 7.00 -4.40
OP2 5CM A 9 7.31 8.62 -3.67
H5A1 5CM A 9 2.02 8.62 -2.85
H5A2 5CM A 9 3.23 9.15 -4.04
H5A3 5CM A 9 1.54 9.68 -4.19
H6 5CM A 9 3.83 7.45 -5.55
HN41 5CM A 9 -1.35 6.99 -4.22
HN42 5CM A 9 -0.37 8.27 -3.52
H1' 5CM A 9 3.16 4.35 -7.52
H2' 5CM A 9 3.54 7.13 -8.28
H2'' 5CM A 9 3.92 5.65 -9.20
H3' 5CM A 9 5.74 7.37 -7.58
H4' 5CM A 9 6.17 4.39 -7.59
H5' 5CM A 9 7.14 4.80 -5.36
H5'' 5CM A 9 7.97 5.70 -6.63
P 8OG A 10 6.35 7.37 -10.38
OP1 8OG A 10 7.23 6.88 -11.48
OP2 8OG A 10 6.72 8.66 -9.72
O5' 8OG A 10 4.86 7.53 -10.98
C5' 8OG A 10 4.25 6.52 -11.78
C4' 8OG A 10 2.73 6.71 -11.91
O4' 8OG A 10 2.09 6.68 -10.63
C3' 8OG A 10 2.37 8.06 -12.57
O3' 8OG A 10 1.28 7.96 -13.49
C2' 8OG A 10 1.86 8.86 -11.37
C1' 8OG A 10 1.16 7.75 -10.60
N9 8OG A 10 0.64 8.14 -9.27
C8 8OG A 10 1.18 8.95 -8.28
N7 8OG A 10 0.40 9.21 -7.30
C5 8OG A 10 -0.81 8.62 -7.66
C6 8OG A 10 -2.09 8.63 -7.01
O6 8OG A 10 -2.40 9.13 -5.93
N1 8OG A 10 -3.07 7.97 -7.73
C2 8OG A 10 -2.84 7.36 -8.92
N2 8OG A 10 -3.86 6.77 -9.49
N3 8OG A 10 -1.66 7.31 -9.54
C4 8OG A 10 -0.67 7.97 -8.86
O8 8OG A 10 2.32 9.41 -8.29
H5' 8OG A 10 4.43 5.53 -11.34
H5'' 8OG A 10 4.69 6.53 -12.77
H4' 8OG A 10 2.34 5.90 -12.53
H3' 8OG A 10 3.23 8.54 -13.02
H2' 8OG A 10 2.69 9.28 -10.82
H2'' 8OG A 10 1.18 9.64 -11.68
H1' 8OG A 10 0.30 7.41 -11.18
H7 8OG A 10 0.61 9.82 -6.51
H1 8OG A 10 -4.00 7.95 -7.34
H21 8OG A 10 -4.78 6.82 -9.08
H22 8OG A 10 -3.70 6.33 -10.39
N1 5CM B 3 -8.02 7.43 -6.67
C2 5CM B 3 -6.70 7.42 -7.16
N3 5CM B 3 -5.68 7.89 -6.40
C4 5CM B 3 -5.95 8.29 -5.16
C5 5CM B 3 -7.28 8.27 -4.58
C5A 5CM B 3 -7.57 8.75 -3.17
C6 5CM B 3 -8.28 7.84 -5.38
O2 5CM B 3 -6.41 7.03 -8.28
N4 5CM B 3 -4.91 8.76 -4.53
C1' 5CM B 3 -9.12 7.00 -7.58
C2' 5CM B 3 -9.95 5.81 -7.07
C3' 5CM B 3 -11.30 6.00 -7.77
C4' 5CM B 3 -11.26 7.46 -8.22
O4' 5CM B 3 -10.06 8.04 -7.74
O3' 5CM B 3 -11.48 5.14 -8.90
C5' 5CM B 3 -12.48 8.29 -7.76
O5' 5CM B 3 -12.65 8.24 -6.35
P 5CM B 3 -13.77 9.15 -5.63
OP1 5CM B 3 -15.07 8.93 -6.31
OP2 5CM B 3 -13.69 8.92 -4.16
H5A1 5CM B 3 -8.64 8.70 -2.95
H5A2 5CM B 3 -7.22 9.77 -3.03
H5A3 5CM B 3 -7.04 8.11 -2.45
H6 5CM B 3 -9.30 7.83 -5.02
HN41 5CM B 3 -4.02 8.79 -5.01
HN42 5CM B 3 -5.01 9.12 -3.59
H1' 5CM B 3 -8.72 6.73 -8.56
H2' 5CM B 3 -10.09 5.85 -6.00
H2'' 5CM B 3 -9.47 4.88 -7.35
H3' 5CM B 3 -12.12 5.84 -7.07
H4' 5CM B 3 -11.23 7.49 -9.31
H5' 5CM B 3 -12.34 9.31 -8.09
H5'' 5CM B 3 -13.37 7.88 -8.24
N1 5CM B 9 4.34 -4.11 6.81
C2 5CM B 9 2.97 -4.43 6.66
N3 5CM B 9 2.58 -5.39 5.80
C4 5CM B 9 3.52 -6.06 5.15
C5 5CM B 9 4.93 -5.84 5.32
C5A 5CM B 9 6.00 -6.66 4.58
C6 5CM B 9 5.30 -4.87 6.18
O2 5CM B 9 2.09 -3.86 7.30
N4 5CM B 9 3.02 -6.95 4.32
C1' 5CM B 9 4.72 -3.01 7.74
C2' 5CM B 9 5.41 -3.52 9.01
C3' 5CM B 9 6.80 -2.91 9.03
C4' 5CM B 9 6.65 -1.76 8.02
O4' 5CM B 9 5.63 -2.14 7.09
O3' 5CM B 9 7.12 -2.42 10.33
C5' 5CM B 9 7.94 -1.39 7.27
O5' 5CM B 9 8.54 -2.51 6.63
P 5CM B 9 9.69 -2.33 5.51
OP1 5CM B 9 10.69 -1.36 6.04
OP2 5CM B 9 10.16 -3.68 5.11
H5A1 5CM B 9 6.99 -6.34 4.88
H5A2 5CM B 9 5.88 -6.52 3.51
H5A3 5CM B 9 5.88 -7.71 4.82
H6 5CM B 9 6.34 -4.65 6.35
HN41 5CM B 9 2.02 -7.05 4.28
HN42 5CM B 9 3.63 -7.56 3.81
H1' 5CM B 9 3.81 -2.44 8.01
H2' 5CM B 9 5.47 -4.60 9.03
H2'' 5CM B 9 4.85 -3.18 9.88
H3' 5CM B 9 7.54 -3.62 8.66
H4' 5CM B 9 6.30 -0.88 8.56
H5' 5CM B 9 7.70 -0.63 6.54
H5'' 5CM B 9 8.65 -0.97 7.99
P 8OG B 10 7.61 -3.39 11.53
OP1 8OG B 10 7.90 -2.53 12.70
OP2 8OG B 10 8.69 -4.26 10.99
O5' 8OG B 10 6.35 -4.32 11.89
C5' 8OG B 10 5.17 -3.81 12.52
C4' 8OG B 10 3.99 -4.79 12.43
O4' 8OG B 10 3.65 -5.08 11.07
C3' 8OG B 10 4.28 -6.13 13.13
O3' 8OG B 10 3.16 -6.62 13.86
C2' 8OG B 10 4.46 -7.06 11.94
C1' 8OG B 10 3.44 -6.47 10.98
N9 8OG B 10 3.45 -7.08 9.62
C8 8OG B 10 4.50 -7.44 8.80
N7 8OG B 10 4.17 -8.08 7.74
C5 8OG B 10 2.79 -8.25 7.85
C6 8OG B 10 1.86 -8.94 7.02
O6 8OG B 10 2.06 -9.53 5.96
N1 8OG B 10 0.57 -8.92 7.52
C2 8OG B 10 0.22 -8.30 8.67
N2 8OG B 10 -1.04 -8.35 9.02
N3 8OG B 10 1.06 -7.63 9.46
C4 8OG B 10 2.35 -7.63 9.00
O8 8OG B 10 5.69 -7.20 9.02
H5' 8OG B 10 4.88 -2.87 12.06
H5'' 8OG B 10 5.39 -3.61 13.57
H4' 8OG B 10 3.13 -4.32 12.90
H3' 8OG B 10 5.17 -6.08 13.76
H2' 8OG B 10 5.48 -6.98 11.55
H2'' 8OG B 10 4.24 -8.09 12.20
H1' 8OG B 10 2.45 -6.65 11.40
H7 8OG B 10 4.81 -8.46 7.04
H1 8OG B 10 -0.14 -9.39 6.99
H21 8OG B 10 -1.71 -8.88 8.47
H22 8OG B 10 -1.31 -7.91 9.88
N1 5CM A 3 -3.66 -10.75 5.44
C2 5CM A 3 -2.63 -10.13 6.17
N3 5CM A 3 -1.40 -9.96 5.65
C4 5CM A 3 -1.19 -10.35 4.40
C5 5CM A 3 -2.21 -10.96 3.57
C5A 5CM A 3 -1.94 -11.42 2.14
C6 5CM A 3 -3.43 -11.15 4.14
O2 5CM A 3 -2.81 -9.71 7.32
N4 5CM A 3 0.04 -10.19 3.99
C1' 5CM A 3 -4.97 -11.01 6.10
C2' 5CM A 3 -6.18 -10.36 5.42
C3' 5CM A 3 -7.35 -11.26 5.83
C4' 5CM A 3 -6.65 -12.54 6.32
O4' 5CM A 3 -5.25 -12.39 6.08
O3' 5CM A 3 -8.13 -10.70 6.89
C5' 5CM A 3 -7.18 -13.82 5.66
O5' 5CM A 3 -7.09 -13.77 4.24
P 5CM A 3 -7.44 -15.05 3.33
OP1 5CM A 3 -8.76 -15.56 3.74
OP2 5CM A 3 -7.20 -14.71 1.91
H5A1 5CM A 3 -2.83 -11.90 1.71
H5A2 5CM A 3 -1.68 -10.55 1.53
H5A3 5CM A 3 -1.12 -12.12 2.11
H6 5CM A 3 -4.22 -11.64 3.58
HN41 5CM A 3 0.71 -9.79 4.65
HN42 5CM A 3 0.30 -10.49 3.07
H1' 5CM A 3 -4.95 -10.67 7.14
H2' 5CM A 3 -6.07 -10.38 4.32
H2'' 5CM A 3 -6.30 -9.34 5.75
H3' 5CM A 3 -7.99 -11.48 4.97
H4' 5CM A 3 -6.81 -12.63 7.39
H5' 5CM A 3 -6.61 -14.66 6.03
H5'' 5CM A 3 -8.22 -13.96 5.94
N1 5CM A 9 2.41 6.20 -6.20
C2 5CM A 9 1.12 5.67 -6.25
N3 5CM A 9 0.12 6.21 -5.52
C4 5CM A 9 0.39 7.26 -4.77
C5 5CM A 9 1.68 7.91 -4.73
C5A 5CM A 9 1.96 9.15 -3.90
C6 5CM A 9 2.66 7.34 -5.47
O2 5CM A 9 0.82 4.73 -6.99
N4 5CM A 9 -0.64 7.68 -4.08
C1' 5CM A 9 3.48 5.55 -7.01
C2' 5CM A 9 3.93 6.40 -8.20
C3' 5CM A 9 5.40 6.71 -7.99
C4' 5CM A 9 5.80 5.66 -6.94
O4' 5CM A 9 4.62 5.35 -6.20
O3' 5CM A 9 6.13 6.54 -9.21
C5' 5CM A 9 6.94 6.08 -6.03
O5' 5CM A 9 6.69 7.32 -5.36
P 5CM A 9 7.57 7.81 -4.10
OP1 5CM A 9 9.00 7.63 -4.44
OP2 5CM A 9 7.09 9.15 -3.70
H5A1 5CM A 9 3.00 9.48 -4.04
H5A2 5CM A 9 1.30 9.96 -4.21
H5A3 5CM A 9 1.80 8.95 -2.84
H6 5CM A 9 3.67 7.77 -5.50
HN41 5CM A 9 -1.52 7.18 -4.18
HN42 5CM A 9 -0.56 8.51 -3.51
H1' 5CM A 9 3.11 4.58 -7.37
H2' 5CM A 9 3.35 7.33 -8.27
H2'' 5CM A 9 3.79 5.84 -9.11
H3' 5CM A 9 5.53 7.72 -7.58
H4' 5CM A 9 6.10 4.76 -7.48
H5' 5CM A 9 7.09 5.30 -5.28
H5'' 5CM A 9 7.86 6.18 -6.62
P 8OG A 10 6.13 7.65 -10.39
OP1 8OG A 10 7.03 7.17 -11.46
OP2 8OG A 10 6.41 8.97 -9.77
O5' 8OG A 10 4.62 7.69 -10.96
C5' 8OG A 10 4.08 6.61 -11.72
C4' 8OG A 10 2.54 6.72 -11.85
O4' 8OG A 10 1.91 6.71 -10.56
C3' 8OG A 10 2.10 8.00 -12.59
O3' 8OG A 10 1.02 7.78 -13.49
C2' 8OG A 10 1.55 8.84 -11.43
C1' 8OG A 10 0.92 7.73 -10.59
N9 8OG A 10 0.39 8.19 -9.28
C8 8OG A 10 0.90 9.05 -8.34
N7 8OG A 10 0.12 9.35 -7.36
C5 8OG A 10 -1.08 8.71 -7.69
C6 8OG A 10 -2.35 8.71 -7.03
O6 8OG A 10 -2.67 9.27 -5.98
N1 8OG A 10 -3.31 7.98 -7.70
C2 8OG A 10 -3.07 7.31 -8.86
N2 8OG A 10 -4.06 6.65 -9.39
N3 8OG A 10 -1.89 7.27 -9.48
C4 8OG A 10 -0.92 7.98 -8.86
O8 8OG A 10 2.03 9.55 -8.39
H5' 8OG A 10 4.31 5.66 -11.24
H5'' 8OG A 10 4.52 6.59 -12.72
H4' 8OG A 10 2.19 5.85 -12.41
H3' 8OG A 10 2.94 8.51 -13.08
H2' 8OG A 10 2.35 9.33 -10.91
H2'' 8OG A 10 0.81 9.55 -11.79
H1' 8OG A 10 0.08 7.31 -11.15
H7 8OG A 10 0.33 10.00 -6.62
H1 8OG A 10 -4.23 7.94 -7.31
H21 8OG A 10 -4.99 6.68 -8.97
H22 8OG A 10 -3.90 6.16 -10.25
N1 5CM B 3 -8.20 7.16 -6.49
C2 5CM B 3 -6.91 7.24 -7.03
N3 5CM B 3 -5.89 7.82 -6.34
C4 5CM B 3 -6.14 8.23 -5.11
C5 5CM B 3 -7.43 8.13 -4.47
C5A 5CM B 3 -7.70 8.62 -3.05
C6 5CM B 3 -8.43 7.57 -5.20
O2 5CM B 3 -6.62 6.81 -8.16
N4 5CM B 3 -5.11 8.82 -4.54
C1' 5CM B 3 -9.32 6.66 -7.35
C2' 5CM B 3 -10.05 5.44 -6.82
C3' 5CM B 3 -11.44 5.53 -7.46
C4' 5CM B 3 -11.49 7.00 -7.93
O4' 5CM B 3 -10.32 7.64 -7.46
O3' 5CM B 3 -11.61 4.67 -8.58
C5' 5CM B 3 -12.76 7.75 -7.49
O5' 5CM B 3 -12.94 7.73 -6.08
P 5CM B 3 -14.04 8.65 -5.36
OP1 5CM B 3 -15.34 8.44 -6.03
OP2 5CM B 3 -13.95 8.44 -3.89
H5A1 5CM B 3 -8.74 8.48 -2.77
H5A2 5CM B 3 -7.47 9.69 -2.99
H5A3 5CM B 3 -7.06 8.09 -2.36
H6 5CM B 3 -9.42 7.49 -4.77
HN41 5CM B 3 -4.25 8.89 -5.05
HN42 5CM B 3 -5.22 9.19 -3.61
H1' 5CM B 3 -8.94 6.43 -8.35
H2' 5CM B 3 -10.15 5.47 -5.74
H2'' 5CM B 3 -9.53 4.53 -7.12
H3' 5CM B 3 -12.22 5.35 -6.71
H4' 5CM B 3 -11.47 7.01 -9.03
H5' 5CM B 3 -12.67 8.79 -7.83
H5'' 5CM B 3 -13.63 7.31 -7.97
N1 5CM B 9 4.48 -3.99 6.97
C2 5CM B 9 3.12 -4.27 6.77
N3 5CM B 9 2.73 -5.21 5.88
C4 5CM B 9 3.66 -5.87 5.22
C5 5CM B 9 5.08 -5.68 5.42
C5A 5CM B 9 6.14 -6.48 4.69
C6 5CM B 9 5.45 -4.73 6.33
O2 5CM B 9 2.23 -3.70 7.41
N4 5CM B 9 3.17 -6.73 4.36
C1' 5CM B 9 4.85 -2.93 7.96
C2' 5CM B 9 5.52 -3.51 9.21
C3' 5CM B 9 6.92 -2.91 9.28
C4' 5CM B 9 6.79 -1.72 8.32
O4' 5CM B 9 5.79 -2.05 7.37
O3' 5CM B 9 7.21 -2.48 10.61
C5' 5CM B 9 8.11 -1.35 7.61
O5' 5CM B 9 8.68 -2.44 6.92
P 5CM B 9 9.86 -2.23 5.83
OP1 5CM B 9 10.86 -1.29 6.40
OP2 5CM B 9 10.33 -3.56 5.38
H5A1 5CM B 9 6.01 -7.54 4.89
H5A2 5CM B 9 7.14 -6.19 5.02
H5A3 5CM B 9 6.05 -6.32 3.62
H6 5CM B 9 6.48 -4.54 6.54
HN41 5CM B 9 2.16 -6.81 4.31
HN42 5CM B 9 3.79 -7.33 3.85
H1' 5CM B 9 3.96 -2.37 8.23
H2' 5CM B 9 5.57 -4.60 9.18
H2'' 5CM B 9 4.95 -3.21 10.09
H3' 5CM B 9 7.66 -3.62 8.91
H4' 5CM B 9 6.45 -0.87 8.89
H5' 5CM B 9 7.89 -0.54 6.90
H5'' 5CM B 9 8.81 -0.97 8.36
P 8OG B 10 7.66 -3.52 11.78
OP1 8OG B 10 7.94 -2.71 12.99
OP2 8OG B 10 8.74 -4.38 11.23
O5' 8OG B 10 6.38 -4.44 12.07
C5' 8OG B 10 5.20 -3.95 12.71
C4' 8OG B 10 4.00 -4.91 12.55
O4' 8OG B 10 3.69 -5.13 11.17
C3' 8OG B 10 4.26 -6.29 13.20
O3' 8OG B 10 3.13 -6.80 13.88
C2' 8OG B 10 4.47 -7.16 11.97
C1' 8OG B 10 3.46 -6.52 11.02
N9 8OG B 10 3.48 -7.05 9.63
C8 8OG B 10 4.53 -7.40 8.81
N7 8OG B 10 4.21 -7.99 7.71
C5 8OG B 10 2.83 -8.14 7.81
C6 8OG B 10 1.88 -8.79 6.95
O6 8OG B 10 2.09 -9.33 5.85
N1 8OG B 10 0.59 -8.77 7.43
C2 8OG B 10 0.25 -8.18 8.61
N2 8OG B 10 -1.01 -8.24 8.95
N3 8OG B 10 1.08 -7.56 9.43
C4 8OG B 10 2.38 -7.56 8.98
O8 8OG B 10 5.72 -7.20 9.05
H5' 8OG B 10 4.92 -2.98 12.28
H5'' 8OG B 10 5.40 -3.79 13.77
H4' 8OG B 10 3.14 -4.45 13.04
H3' 8OG B 10 5.15 -6.29 13.84
H2' 8OG B 10 5.48 -7.06 11.60
H2'' 8OG B 10 4.24 -8.20 12.17
H1' 8OG B 10 2.47 -6.71 11.41
H7 8OG B 10 4.85 -8.34 7.02
H1 8OG B 10 -0.12 -9.21 6.88
H21 8OG B 10 -1.69 -8.75 8.38
H22 8OG B 10 -1.28 -7.83 9.83
N1 5CM A 3 -3.70 -10.87 5.54
C2 5CM A 3 -2.67 -10.25 6.29
N3 5CM A 3 -1.43 -10.11 5.77
C4 5CM A 3 -1.21 -10.52 4.54
C5 5CM A 3 -2.24 -11.10 3.69
C5A 5CM A 3 -1.96 -11.54 2.26
C6 5CM A 3 -3.46 -11.25 4.24
O2 5CM A 3 -2.85 -9.82 7.43
N4 5CM A 3 0.03 -10.38 4.14
C1' 5CM A 3 -5.01 -11.16 6.20
C2' 5CM A 3 -6.23 -10.54 5.55
C3' 5CM A 3 -7.38 -11.46 5.95
C4' 5CM A 3 -6.65 -12.73 6.43
O4' 5CM A 3 -5.27 -12.56 6.17
O3' 5CM A 3 -8.18 -10.93 7.01
C5' 5CM A 3 -7.18 -14.02 5.80
O5' 5CM A 3 -7.13 -13.99 4.38
P 5CM A 3 -7.40 -15.31 3.50
OP1 5CM A 3 -8.67 -15.93 3.96
OP2 5CM A 3 -7.26 -14.97 2.07
H5A1 5CM A 3 -2.86 -11.99 1.81
H5A2 5CM A 3 -1.64 -10.69 1.66
H5A3 5CM A 3 -1.17 -12.29 2.25
H6 5CM A 3 -4.25 -11.71 3.66
HN41 5CM A 3 0.70 -9.99 4.80
HN42 5CM A 3 0.30 -10.69 3.22
H1' 5CM A 3 -4.98 -10.84 7.25
H2' 5CM A 3 -6.13 -10.52 4.46
H2'' 5CM A 3 -6.37 -9.52 5.91
H3' 5CM A 3 -8.01 -11.69 5.09
H4' 5CM A 3 -6.79 -12.80 7.52
H5' 5CM A 3 -6.56 -14.85 6.17
H5'' 5CM A 3 -8.20 -14.19 6.13
N1 5CM A 9 2.55 5.94 -6.23
C2 5CM A 9 1.24 5.46 -6.29
N3 5CM A 9 0.26 6.02 -5.55
C4 5CM A 9 0.57 7.04 -4.77
C5 5CM A 9 1.89 7.63 -4.72
C5A 5CM A 9 2.21 8.86 -3.87
C6 5CM A 9 2.85 7.05 -5.48
O2 5CM A 9 0.92 4.53 -7.03
N4 5CM A 9 -0.45 7.50 -4.08
C1' 5CM A 9 3.61 5.26 -7.04
C2' 5CM A 9 4.09 6.14 -8.20
C3' 5CM A 9 5.59 6.38 -7.98
C4' 5CM A 9 5.92 5.27 -6.96
O4' 5CM A 9 4.73 4.99 -6.22
O3' 5CM A 9 6.32 6.20 -9.18
C5' 5CM A 9 7.07 5.63 -6.00
O5' 5CM A 9 6.84 6.85 -5.31
P 5CM A 9 7.73 7.26 -4.02
OP1 5CM A 9 9.15 7.02 -4.33
OP2 5CM A 9 7.31 8.63 -3.60
H5A1 5CM A 9 1.58 9.70 -4.16
H5A2 5CM A 9 2.02 8.63 -2.81
H5A3 5CM A 9 3.26 9.14 -3.98
H6 5CM A 9 3.86 7.44 -5.48
HN41 5CM A 9 -1.34 7.04 -4.21
HN42 5CM A 9 -0.34 8.31 -3.50
H1' 5CM A 9 3.20 4.32 -7.44
H2' 5CM A 9 3.56 7.09 -8.25
H2'' 5CM A 9 3.96 5.60 -9.14
H3' 5CM A 9 5.75 7.35 -7.53
H4' 5CM A 9 6.19 4.37 -7.51
H5' 5CM A 9 7.18 4.81 -5.29
H5'' 5CM A 9 8.00 5.70 -6.58
P 8OG A 10 6.38 7.35 -10.33
OP1 8OG A 10 7.27 6.86 -11.41
OP2 8OG A 10 6.72 8.64 -9.67
O5' 8OG A 10 4.88 7.48 -10.93
C5' 8OG A 10 4.29 6.45 -11.73
C4' 8OG A 10 2.77 6.63 -11.87
O4' 8OG A 10 2.13 6.61 -10.58
C3' 8OG A 10 2.38 7.95 -12.56
O3' 8OG A 10 1.29 7.81 -13.46
C2' 8OG A 10 1.88 8.77 -11.39
C1' 8OG A 10 1.20 7.67 -10.58
N9 8OG A 10 0.68 8.10 -9.25
C8 8OG A 10 1.22 8.93 -8.29
N7 8OG A 10 0.43 9.22 -7.30
C5 8OG A 10 -0.78 8.63 -7.66
C6 8OG A 10 -2.06 8.66 -7.01
O6 8OG A 10 -2.37 9.20 -5.95
N1 8OG A 10 -3.03 7.98 -7.72
C2 8OG A 10 -2.80 7.34 -8.89
N2 8OG A 10 -3.82 6.73 -9.45
N3 8OG A 10 -1.62 7.27 -9.50
C4 8OG A 10 -0.63 7.94 -8.84
O8 8OG A 10 2.35 9.39 -8.31
H5' 8OG A 10 4.48 5.47 -11.29
H5'' 8OG A 10 4.74 6.45 -12.72
H4' 8OG A 10 2.39 5.79 -12.46
H3' 8OG A 10 3.23 8.43 -13.04
H2' 8OG A 10 2.70 9.22 -10.84
H2'' 8OG A 10 1.17 9.54 -11.70
H1' 8OG A 10 0.34 7.31 -11.15
H7 8OG A 10 0.65 9.84 -6.54
H1 8OG A 10 -3.97 7.98 -7.33
H21 8OG A 10 -4.75 6.80 -9.05
H22 8OG A 10 -3.67 6.26 -10.33
N1 5CM B 3 -8.00 7.48 -6.69
C2 5CM B 3 -6.68 7.46 -7.17
N3 5CM B 3 -5.67 7.94 -6.41
C4 5CM B 3 -5.93 8.38 -5.19
C5 5CM B 3 -7.26 8.38 -4.62
C5A 5CM B 3 -7.56 8.90 -3.21
C6 5CM B 3 -8.27 7.92 -5.41
O2 5CM B 3 -6.39 7.02 -8.27
N4 5CM B 3 -4.89 8.86 -4.57
C1' 5CM B 3 -9.10 7.03 -7.57
C2' 5CM B 3 -9.94 5.86 -7.04
C3' 5CM B 3 -11.29 6.04 -7.75
C4' 5CM B 3 -11.25 7.50 -8.22
O4' 5CM B 3 -10.03 8.07 -7.75
O3' 5CM B 3 -11.47 5.18 -8.87
C5' 5CM B 3 -12.45 8.34 -7.77
O5' 5CM B 3 -12.62 8.32 -6.35
P 5CM B 3 -13.74 9.22 -5.64
OP1 5CM B 3 -15.05 8.97 -6.32
OP2 5CM B 3 -13.65 9.02 -4.17
H5A1 5CM B 3 -7.20 9.93 -3.11
H5A2 5CM B 3 -7.02 8.29 -2.48
H5A3 5CM B 3 -8.62 8.86 -3.00
H6 5CM B 3 -9.28 7.94 -5.04
HN41 5CM B 3 -4.00 8.87 -5.04
HN42 5CM B 3 -5.00 9.25 -3.64
H1' 5CM B 3 -8.70 6.74 -8.56
H2' 5CM B 3 -10.08 5.93 -5.97
H2'' 5CM B 3 -9.47 4.92 -7.30
H3' 5CM B 3 -12.11 5.90 -7.05
H4' 5CM B 3 -11.23 7.50 -9.31
H5' 5CM B 3 -12.31 9.36 -8.11
H5'' 5CM B 3 -13.35 7.93 -8.25
N1 5CM B 9 4.30 -4.07 6.88
C2 5CM B 9 2.94 -4.37 6.72
N3 5CM B 9 2.55 -5.34 5.85
C4 5CM B 9 3.48 -6.01 5.19
C5 5CM B 9 4.90 -5.80 5.38
C5A 5CM B 9 5.96 -6.63 4.66
C6 5CM B 9 5.26 -4.83 6.25
O2 5CM B 9 2.05 -3.81 7.35
N4 5CM B 9 2.99 -6.90 4.37
C1' 5CM B 9 4.68 -2.97 7.82
C2' 5CM B 9 5.37 -3.49 9.08
C3' 5CM B 9 6.76 -2.87 9.11
C4' 5CM B 9 6.61 -1.73 8.09
O4' 5CM B 9 5.59 -2.10 7.16
O3' 5CM B 9 7.08 -2.39 10.40
C5' 5CM B 9 7.90 -1.37 7.34
O5' 5CM B 9 8.49 -2.49 6.69
P 5CM B 9 9.64 -2.32 5.58
OP1 5CM B 9 10.64 -1.35 6.10
OP2 5CM B 9 10.11 -3.67 5.18
H5A1 5CM B 9 5.86 -6.49 3.58
H5A2 5CM B 9 5.83 -7.68 4.89
H5A3 5CM B 9 6.97 -6.31 4.96
H6 5CM B 9 6.30 -4.62 6.43
HN41 5CM B 9 1.97 -6.99 4.32
HN42 5CM B 9 3.61 -7.51 3.86
H1' 5CM B 9 3.77 -2.42 8.09
H2' 5CM B 9 5.44 -4.58 9.10
H2'' 5CM B 9 4.81 -3.15 9.96
H3' 5CM B 9 7.51 -3.59 8.74
H4' 5CM B 9 6.27 -0.84 8.64
H5' 5CM B 9 7.66 -0.60 6.61
H5'' 5CM B 9 8.62 -0.95 8.06
P 8OG B 10 7.56 -3.36 11.60
OP1 8OG B 10 7.85 -2.50 12.78
OP2 8OG B 10 8.65 -4.22 11.08
O5' 8OG B 10 6.30 -4.30 11.96
C5' 8OG B 10 5.13 -3.79 12.60
C4' 8OG B 10 3.95 -4.79 12.49
O4' 8OG B 10 3.61 -5.06 11.14
C3' 8OG B 10 4.25 -6.13 13.18
O3' 8OG B 10 3.14 -6.65 13.91
C2' 8OG B 10 4.46 -7.05 11.98
C1' 8OG B 10 3.42 -6.46 11.03
N9 8OG B 10 3.44 -7.04 9.66
C8 8OG B 10 4.49 -7.41 8.84
N7 8OG B 10 4.16 -8.04 7.77
C5 8OG B 10 2.78 -8.21 7.88
C6 8OG B 10 1.85 -8.90 7.04
O6 8OG B 10 2.06 -9.48 5.98
N1 8OG B 10 0.56 -8.88 7.53
C2 8OG B 10 0.21 -8.25 8.69
N2 8OG B 10 -1.05 -8.31 9.03
N3 8OG B 10 1.04 -7.59 9.49
C4 8OG B 10 2.33 -7.59 9.04
O8 8OG B 10 5.68 -7.17 9.07
H5' 8OG B 10 4.83 -2.85 12.13
H5'' 8OG B 10 5.34 -3.60 13.65
H4' 8OG B 10 3.08 -4.33 12.99
H3' 8OG B 10 5.15 -6.10 13.81
H2' 8OG B 10 5.47 -6.93 11.60
H2'' 8OG B 10 4.25 -8.09 12.23
H1' 8OG B 10 2.43 -6.66 11.45
H7 8OG B 10 4.81 -8.41 7.08
H1 8OG B 10 -0.15 -9.33 6.99
H21 8OG B 10 -1.73 -8.83 8.48
H22 8OG B 10 -1.33 -7.87 9.90
#